data_6V3K
#
_entry.id   6V3K
#
_cell.length_a   1.00
_cell.length_b   1.00
_cell.length_c   1.00
_cell.angle_alpha   90.00
_cell.angle_beta   90.00
_cell.angle_gamma   90.00
#
_symmetry.space_group_name_H-M   'P 1'
#
loop_
_entity.id
_entity.type
_entity.pdbx_description
1 polymer 'Chimeric Sso7d and HIV-1 integrase'
2 polymer 'viral DNA non-transferred strand'
3 polymer 'viral DNA transferred strand'
4 non-polymer 'MAGNESIUM ION'
5 non-polymer 'ZINC ION'
6 non-polymer 4-azanyl-N-[[2,4-bis(fluoranyl)phenyl]methyl]-1-oxidanyl-2-oxidanylidene-6-(5-oxidanylpentyl)-1,8-naphthyridine-3-carboxamide
#
loop_
_entity_poly.entity_id
_entity_poly.type
_entity_poly.pdbx_seq_one_letter_code
_entity_poly.pdbx_strand_id
1 'polypeptide(L)'
;MGSSHHHHHHSSGLVPRGSHMATVKFKYKGEEKEVDISKIKKVWRVGKMISFTYDEGGGKTGRGAVSEKDAPKELLQMLE
KQKKGGGGGGGGGGGFLDGIDKAQEEHEKYHSNWRAMASDFNLPPVVAKEIVASCDKCQLKGEAMHGQVDCSPGIWQLDC
THLEGKVILVAVHVASGYIEAEVIPAETGQETAYFLLKLAGRWPVKTVHTDNGSNFTSTTVKAACWWAGIKQEFGIPYNP
QSQGVIESMNKELKKIIGQVRDQAEHLKTAVQMAVFIHNFKRKGGIGGYSAGERIVDIIATDIQTKELQKQITKIQNFRV
YYRDSRDPVWKGPAKLLWKGEGAVVIQDNSDIKVVPRRKAKIIRDYGKQMAGDDCVASRQDED
;
A,B,C,D
2 'polydeoxyribonucleotide'
;(DA)(DC)(DT)(DG)(DC)(DT)(DA)(DG)(DA)(DG)(DA)(DT)(DT)(DT)(DT)(DC)(DC)(DC)(DG)(DC)
(DC)(DC)(DA)(DC)(DG)(DC)(DT)
;
E
3 'polydeoxyribonucleotide'
;(DA)(DG)(DC)(DG)(DT)(DG)(DG)(DG)(DC)(DG)(DG)(DG)(DA)(DA)(DA)(DA)(DT)(DC)(DT)(DC)
(DT)(DA)(DG)(DC)(DA)
;
F
#
loop_
_chem_comp.id
_chem_comp.type
_chem_comp.name
_chem_comp.formula
DA DNA linking 2'-DEOXYADENOSINE-5'-MONOPHOSPHATE 'C10 H14 N5 O6 P'
DC DNA linking 2'-DEOXYCYTIDINE-5'-MONOPHOSPHATE 'C9 H14 N3 O7 P'
DG DNA linking 2'-DEOXYGUANOSINE-5'-MONOPHOSPHATE 'C10 H14 N5 O7 P'
DT DNA linking THYMIDINE-5'-MONOPHOSPHATE 'C10 H15 N2 O8 P'
MG non-polymer 'MAGNESIUM ION' 'Mg 2'
QUW non-polymer 4-azanyl-N-[[2,4-bis(fluoranyl)phenyl]methyl]-1-oxidanyl-2-oxidanylidene-6-(5-oxidanylpentyl)-1,8-naphthyridine-3-carboxamide 'C21 H22 F2 N4 O4'
ZN non-polymer 'ZINC ION' 'Zn 2'
#
# COMPACT_ATOMS: atom_id res chain seq x y z
N PHE A 96 4.94 -4.54 61.42
CA PHE A 96 4.90 -4.12 60.03
C PHE A 96 6.29 -4.13 59.42
N LEU A 97 7.24 -3.46 60.09
CA LEU A 97 8.62 -3.50 59.62
C LEU A 97 9.22 -4.88 59.80
N ASP A 98 8.95 -5.53 60.93
CA ASP A 98 9.26 -6.94 61.07
C ASP A 98 8.56 -7.75 60.00
N GLY A 99 7.36 -7.34 59.60
CA GLY A 99 6.69 -7.97 58.48
C GLY A 99 7.52 -7.91 57.21
N ILE A 100 8.07 -6.72 56.90
CA ILE A 100 8.89 -6.57 55.71
C ILE A 100 10.14 -7.43 55.82
N ASP A 101 10.76 -7.44 56.99
CA ASP A 101 11.98 -8.23 57.17
C ASP A 101 11.71 -9.71 56.94
N LYS A 102 10.67 -10.24 57.58
CA LYS A 102 10.35 -11.65 57.42
C LYS A 102 9.93 -11.95 55.99
N ALA A 103 9.23 -11.02 55.34
CA ALA A 103 8.80 -11.24 53.97
C ALA A 103 10.00 -11.35 53.03
N GLN A 104 11.01 -10.49 53.21
CA GLN A 104 12.20 -10.62 52.39
C GLN A 104 12.96 -11.90 52.70
N GLU A 105 13.10 -12.24 53.99
CA GLU A 105 13.81 -13.45 54.35
C GLU A 105 13.12 -14.70 53.82
N GLU A 106 11.81 -14.64 53.63
CA GLU A 106 11.09 -15.77 53.04
C GLU A 106 11.12 -15.76 51.52
N HIS A 107 10.97 -14.60 50.90
CA HIS A 107 11.01 -14.53 49.44
C HIS A 107 12.37 -14.94 48.91
N GLU A 108 13.45 -14.67 49.66
CA GLU A 108 14.75 -15.12 49.20
C GLU A 108 14.86 -16.64 49.13
N LYS A 109 13.93 -17.35 49.78
CA LYS A 109 13.91 -18.81 49.75
C LYS A 109 12.87 -19.33 48.76
N TYR A 110 11.63 -18.90 48.93
CA TYR A 110 10.52 -19.51 48.18
C TYR A 110 10.32 -18.78 46.84
N HIS A 111 10.56 -17.49 46.80
CA HIS A 111 10.24 -16.65 45.64
C HIS A 111 8.73 -16.67 45.38
N SER A 112 7.99 -16.15 46.36
CA SER A 112 6.54 -16.10 46.28
C SER A 112 6.09 -14.77 45.72
N ASN A 113 4.99 -14.80 44.96
CA ASN A 113 4.49 -13.59 44.33
C ASN A 113 3.94 -12.62 45.37
N TRP A 114 3.64 -11.40 44.92
CA TRP A 114 3.31 -10.33 45.85
C TRP A 114 2.04 -10.64 46.63
N ARG A 115 1.11 -11.40 46.07
CA ARG A 115 -0.11 -11.73 46.81
C ARG A 115 0.21 -12.64 47.99
N ALA A 116 1.12 -13.59 47.81
CA ALA A 116 1.45 -14.50 48.90
C ALA A 116 2.14 -13.76 50.04
N MET A 117 3.03 -12.83 49.72
CA MET A 117 3.69 -12.07 50.77
C MET A 117 2.77 -11.04 51.40
N ALA A 118 1.82 -10.51 50.65
CA ALA A 118 0.85 -9.60 51.23
C ALA A 118 -0.17 -10.33 52.09
N SER A 119 -0.37 -11.62 51.86
CA SER A 119 -1.34 -12.38 52.64
C SER A 119 -0.71 -13.06 53.85
N ASP A 120 0.53 -13.52 53.74
CA ASP A 120 1.16 -14.23 54.84
C ASP A 120 1.81 -13.32 55.86
N PHE A 121 2.06 -12.05 55.51
CA PHE A 121 2.76 -11.14 56.40
C PHE A 121 2.05 -9.82 56.59
N ASN A 122 0.80 -9.71 56.14
CA ASN A 122 -0.03 -8.52 56.36
C ASN A 122 0.67 -7.28 55.82
N LEU A 123 1.20 -7.40 54.63
CA LEU A 123 1.75 -6.22 53.98
C LEU A 123 0.73 -5.64 53.01
N PRO A 124 0.73 -4.32 52.81
CA PRO A 124 -0.14 -3.76 51.79
C PRO A 124 0.41 -4.06 50.41
N PRO A 125 -0.44 -4.09 49.39
CA PRO A 125 0.03 -4.52 48.05
C PRO A 125 1.21 -3.72 47.53
N VAL A 126 1.34 -2.46 47.92
CA VAL A 126 2.43 -1.63 47.41
C VAL A 126 3.78 -2.18 47.90
N VAL A 127 3.88 -2.48 49.19
CA VAL A 127 5.14 -2.97 49.73
C VAL A 127 5.46 -4.36 49.18
N ALA A 128 4.42 -5.18 48.97
CA ALA A 128 4.65 -6.51 48.42
C ALA A 128 5.18 -6.42 46.99
N LYS A 129 4.56 -5.57 46.18
CA LYS A 129 5.06 -5.37 44.82
C LYS A 129 6.48 -4.79 44.84
N GLU A 130 6.78 -3.92 45.81
CA GLU A 130 8.12 -3.36 45.89
C GLU A 130 9.14 -4.42 46.29
N ILE A 131 8.72 -5.40 47.09
CA ILE A 131 9.62 -6.49 47.47
C ILE A 131 9.89 -7.38 46.26
N VAL A 132 8.83 -7.75 45.54
CA VAL A 132 9.00 -8.63 44.38
C VAL A 132 9.83 -7.95 43.31
N ALA A 133 9.49 -6.70 42.98
CA ALA A 133 10.16 -5.98 41.91
C ALA A 133 11.63 -5.70 42.20
N SER A 134 12.11 -6.01 43.40
CA SER A 134 13.52 -5.84 43.72
C SER A 134 14.32 -7.13 43.65
N CYS A 135 13.68 -8.26 43.34
CA CYS A 135 14.37 -9.52 43.21
C CYS A 135 14.76 -9.75 41.75
N ASP A 136 15.97 -10.23 41.53
CA ASP A 136 16.46 -10.38 40.17
C ASP A 136 15.90 -11.63 39.49
N LYS A 137 15.61 -12.67 40.26
CA LYS A 137 15.15 -13.91 39.65
C LYS A 137 13.65 -13.93 39.37
N CYS A 138 12.88 -13.08 40.04
CA CYS A 138 11.43 -13.08 39.87
C CYS A 138 10.96 -12.15 38.76
N GLN A 139 11.86 -11.70 37.89
CA GLN A 139 11.51 -10.87 36.74
C GLN A 139 11.67 -11.75 35.50
N LEU A 140 10.60 -12.43 35.11
CA LEU A 140 10.67 -13.43 34.06
C LEU A 140 9.63 -13.29 32.97
N LYS A 141 8.78 -12.27 33.01
CA LYS A 141 7.79 -12.08 31.95
C LYS A 141 7.70 -10.61 31.59
N GLY A 142 7.88 -10.30 30.32
CA GLY A 142 7.88 -8.93 29.85
C GLY A 142 6.48 -8.37 29.74
N GLU A 143 6.36 -7.36 28.88
CA GLU A 143 5.08 -6.67 28.70
C GLU A 143 4.10 -7.54 27.93
N ALA A 144 2.82 -7.19 28.04
CA ALA A 144 1.76 -7.83 27.27
C ALA A 144 1.22 -6.82 26.26
N MET A 145 1.88 -6.76 25.12
CA MET A 145 1.52 -5.80 24.09
C MET A 145 2.04 -6.29 22.74
N HIS A 146 1.76 -5.51 21.70
CA HIS A 146 2.31 -5.75 20.38
C HIS A 146 2.54 -4.40 19.71
N GLY A 147 3.65 -4.27 18.99
CA GLY A 147 3.95 -3.01 18.35
C GLY A 147 3.08 -2.76 17.14
N GLN A 148 3.61 -2.00 16.18
CA GLN A 148 2.88 -1.71 14.95
C GLN A 148 3.90 -1.45 13.86
N VAL A 149 3.99 -2.37 12.90
CA VAL A 149 5.07 -2.29 11.91
C VAL A 149 4.91 -1.04 11.06
N ASP A 150 6.00 -0.68 10.39
CA ASP A 150 5.99 0.46 9.48
C ASP A 150 5.09 0.15 8.29
N CYS A 151 4.09 1.00 8.08
CA CYS A 151 3.12 0.80 7.00
C CYS A 151 3.03 2.05 6.13
N SER A 152 4.16 2.69 5.88
CA SER A 152 4.22 3.83 4.99
C SER A 152 3.98 3.37 3.55
N PRO A 153 3.54 4.27 2.68
CA PRO A 153 3.26 3.88 1.30
C PRO A 153 4.50 3.69 0.45
N GLY A 154 5.68 3.64 1.07
CA GLY A 154 6.89 3.45 0.31
C GLY A 154 7.87 2.48 0.94
N ILE A 155 7.36 1.51 1.70
CA ILE A 155 8.20 0.53 2.38
C ILE A 155 7.69 -0.86 2.06
N TRP A 156 8.60 -1.74 1.65
CA TRP A 156 8.30 -3.12 1.33
C TRP A 156 8.97 -4.04 2.34
N GLN A 157 8.49 -5.27 2.41
CA GLN A 157 9.06 -6.29 3.29
C GLN A 157 9.45 -7.51 2.46
N LEU A 158 10.69 -7.93 2.58
CA LEU A 158 11.21 -9.09 1.86
C LEU A 158 11.50 -10.23 2.81
N ASP A 159 11.41 -11.45 2.30
CA ASP A 159 11.78 -12.63 3.07
C ASP A 159 11.88 -13.81 2.13
N CYS A 160 12.77 -14.74 2.45
CA CYS A 160 12.92 -15.97 1.69
C CYS A 160 12.22 -17.11 2.43
N THR A 161 11.29 -17.77 1.76
CA THR A 161 10.62 -18.94 2.28
C THR A 161 11.09 -20.18 1.53
N HIS A 162 10.80 -21.34 2.09
CA HIS A 162 11.22 -22.61 1.51
C HIS A 162 9.98 -23.45 1.23
N LEU A 163 9.89 -23.98 0.01
CA LEU A 163 8.77 -24.83 -0.37
C LEU A 163 9.25 -25.89 -1.34
N GLU A 164 8.93 -27.15 -1.03
CA GLU A 164 9.31 -28.29 -1.87
C GLU A 164 10.80 -28.32 -2.14
N GLY A 165 11.59 -27.91 -1.15
CA GLY A 165 13.03 -27.92 -1.30
C GLY A 165 13.61 -26.80 -2.13
N LYS A 166 12.77 -25.86 -2.58
CA LYS A 166 13.24 -24.70 -3.34
C LYS A 166 13.04 -23.44 -2.52
N VAL A 167 13.73 -22.39 -2.92
CA VAL A 167 13.74 -21.11 -2.20
C VAL A 167 12.93 -20.10 -3.00
N ILE A 168 11.90 -19.54 -2.37
CA ILE A 168 11.04 -18.53 -2.98
C ILE A 168 11.28 -17.22 -2.26
N LEU A 169 11.75 -16.22 -3.00
CA LEU A 169 11.94 -14.89 -2.45
C LEU A 169 10.64 -14.11 -2.64
N VAL A 170 10.11 -13.57 -1.56
CA VAL A 170 8.79 -12.94 -1.54
C VAL A 170 8.93 -11.55 -0.96
N ALA A 171 8.38 -10.56 -1.67
CA ALA A 171 8.32 -9.18 -1.20
C ALA A 171 6.86 -8.73 -1.18
N VAL A 172 6.54 -7.84 -0.26
CA VAL A 172 5.16 -7.39 -0.08
C VAL A 172 5.17 -5.89 0.18
N HIS A 173 4.27 -5.18 -0.50
CA HIS A 173 4.02 -3.77 -0.22
C HIS A 173 3.16 -3.70 1.04
N VAL A 174 3.73 -3.13 2.11
CA VAL A 174 3.09 -3.21 3.42
C VAL A 174 1.74 -2.52 3.41
N ALA A 175 1.67 -1.31 2.87
CA ALA A 175 0.45 -0.53 2.93
C ALA A 175 -0.69 -1.13 2.11
N SER A 176 -0.40 -2.03 1.19
CA SER A 176 -1.44 -2.56 0.31
C SER A 176 -1.59 -4.07 0.40
N GLY A 177 -0.50 -4.82 0.43
CA GLY A 177 -0.56 -6.26 0.37
C GLY A 177 -0.25 -6.85 -0.99
N TYR A 178 0.07 -6.02 -1.98
CA TYR A 178 0.49 -6.50 -3.28
C TYR A 178 1.85 -7.19 -3.14
N ILE A 179 1.91 -8.47 -3.46
CA ILE A 179 3.12 -9.24 -3.27
C ILE A 179 3.74 -9.59 -4.62
N GLU A 180 5.06 -9.61 -4.65
CA GLU A 180 5.85 -10.17 -5.73
C GLU A 180 6.58 -11.39 -5.20
N ALA A 181 6.80 -12.37 -6.06
CA ALA A 181 7.48 -13.58 -5.64
C ALA A 181 8.25 -14.15 -6.80
N GLU A 182 9.35 -14.84 -6.49
CA GLU A 182 10.20 -15.40 -7.53
C GLU A 182 10.99 -16.56 -6.95
N VAL A 183 11.02 -17.68 -7.65
CA VAL A 183 11.79 -18.83 -7.21
C VAL A 183 13.24 -18.60 -7.59
N ILE A 184 14.12 -18.49 -6.61
CA ILE A 184 15.53 -18.20 -6.87
C ILE A 184 16.33 -19.50 -6.70
N PRO A 185 17.43 -19.67 -7.42
CA PRO A 185 18.15 -20.95 -7.35
C PRO A 185 18.85 -21.18 -6.03
N ALA A 186 19.27 -20.13 -5.32
CA ALA A 186 19.95 -20.30 -4.05
C ALA A 186 19.75 -19.05 -3.22
N GLU A 187 19.64 -19.25 -1.91
CA GLU A 187 19.37 -18.15 -0.99
C GLU A 187 20.62 -17.35 -0.73
N THR A 188 21.27 -16.85 -1.79
CA THR A 188 22.52 -16.12 -1.70
C THR A 188 22.28 -14.64 -1.95
N GLY A 189 23.34 -13.85 -1.75
CA GLY A 189 23.19 -12.41 -1.83
C GLY A 189 22.91 -11.91 -3.24
N GLN A 190 23.51 -12.54 -4.24
CA GLN A 190 23.39 -12.05 -5.61
C GLN A 190 21.94 -12.12 -6.08
N GLU A 191 21.27 -13.24 -5.83
CA GLU A 191 19.88 -13.38 -6.26
C GLU A 191 18.98 -12.38 -5.55
N THR A 192 19.22 -12.15 -4.27
CA THR A 192 18.40 -11.18 -3.54
C THR A 192 18.62 -9.77 -4.08
N ALA A 193 19.88 -9.42 -4.37
CA ALA A 193 20.14 -8.10 -4.92
C ALA A 193 19.51 -7.93 -6.29
N TYR A 194 19.57 -8.97 -7.11
CA TYR A 194 18.96 -8.92 -8.44
C TYR A 194 17.45 -8.74 -8.34
N PHE A 195 16.80 -9.52 -7.47
CA PHE A 195 15.36 -9.40 -7.31
C PHE A 195 14.98 -8.03 -6.75
N LEU A 196 15.79 -7.49 -5.84
CA LEU A 196 15.47 -6.20 -5.27
C LEU A 196 15.64 -5.08 -6.28
N LEU A 197 16.64 -5.20 -7.16
CA LEU A 197 16.79 -4.21 -8.22
C LEU A 197 15.65 -4.31 -9.22
N LYS A 198 15.20 -5.53 -9.51
CA LYS A 198 14.00 -5.71 -10.31
C LYS A 198 12.81 -4.98 -9.67
N LEU A 199 12.56 -5.26 -8.40
CA LEU A 199 11.42 -4.67 -7.71
C LEU A 199 11.53 -3.15 -7.66
N ALA A 200 12.75 -2.62 -7.56
CA ALA A 200 12.93 -1.17 -7.57
C ALA A 200 12.65 -0.61 -8.96
N GLY A 201 12.97 -1.37 -10.00
CA GLY A 201 12.62 -0.93 -11.35
C GLY A 201 11.14 -0.94 -11.61
N ARG A 202 10.42 -1.90 -11.05
CA ARG A 202 8.98 -2.01 -11.34
C ARG A 202 8.18 -0.98 -10.57
N TRP A 203 8.22 -1.05 -9.24
CA TRP A 203 7.37 -0.20 -8.41
C TRP A 203 8.21 0.80 -7.61
N PRO A 204 7.63 1.94 -7.26
CA PRO A 204 8.42 2.95 -6.53
C PRO A 204 8.67 2.58 -5.09
N VAL A 205 9.69 1.77 -4.85
CA VAL A 205 10.09 1.39 -3.51
C VAL A 205 11.02 2.45 -2.94
N LYS A 206 10.82 2.78 -1.67
CA LYS A 206 11.68 3.73 -0.97
C LYS A 206 12.29 3.17 0.30
N THR A 207 11.79 2.04 0.80
CA THR A 207 12.34 1.42 1.99
C THR A 207 12.14 -0.09 1.87
N VAL A 208 13.07 -0.85 2.43
CA VAL A 208 13.02 -2.30 2.39
C VAL A 208 13.27 -2.83 3.80
N HIS A 209 12.33 -3.62 4.30
CA HIS A 209 12.38 -4.13 5.67
C HIS A 209 12.48 -5.63 5.63
N THR A 210 13.60 -6.17 6.10
CA THR A 210 13.88 -7.60 6.04
C THR A 210 14.26 -8.11 7.42
N ASP A 211 14.32 -9.43 7.55
CA ASP A 211 14.92 -10.00 8.74
C ASP A 211 16.44 -9.91 8.62
N ASN A 212 17.18 -10.44 9.49
CA ASN A 212 18.64 -10.44 9.49
C ASN A 212 19.20 -11.69 8.84
N GLY A 213 18.50 -12.19 7.83
CA GLY A 213 19.02 -13.26 6.95
C GLY A 213 20.26 -12.80 6.21
N SER A 214 21.21 -13.69 5.97
CA SER A 214 22.47 -13.32 5.28
C SER A 214 22.16 -12.76 3.90
N ASN A 215 21.13 -13.31 3.23
CA ASN A 215 20.72 -12.81 1.90
C ASN A 215 20.56 -11.30 1.96
N PHE A 216 19.73 -10.81 2.88
CA PHE A 216 19.43 -9.36 2.97
C PHE A 216 20.55 -8.58 3.66
N THR A 217 21.38 -9.22 4.48
CA THR A 217 22.40 -8.46 5.25
C THR A 217 23.69 -8.23 4.43
N SER A 218 23.78 -8.82 3.25
CA SER A 218 24.99 -8.78 2.45
C SER A 218 25.38 -7.44 1.85
N THR A 219 26.63 -7.35 1.37
CA THR A 219 27.09 -6.15 0.70
C THR A 219 26.50 -6.00 -0.68
N THR A 220 26.03 -7.09 -1.28
CA THR A 220 25.45 -7.03 -2.62
C THR A 220 24.09 -6.37 -2.60
N VAL A 221 23.23 -6.76 -1.65
CA VAL A 221 21.94 -6.11 -1.49
C VAL A 221 22.10 -4.69 -0.97
N LYS A 222 23.17 -4.44 -0.19
CA LYS A 222 23.45 -3.09 0.27
C LYS A 222 23.83 -2.17 -0.88
N ALA A 223 24.91 -2.69 -1.83
CA ALA A 223 25.24 -1.90 -3.01
C ALA A 223 24.02 -1.70 -3.90
N ALA A 224 23.18 -2.73 -4.04
CA ALA A 224 21.98 -2.60 -4.86
C ALA A 224 21.01 -1.58 -4.27
N CYS A 225 20.89 -1.55 -2.94
CA CYS A 225 20.03 -0.56 -2.31
C CYS A 225 20.63 0.84 -2.40
N TRP A 226 21.96 0.95 -2.35
CA TRP A 226 22.58 2.26 -2.46
C TRP A 226 22.44 2.81 -3.87
N TRP A 227 22.46 1.94 -4.87
CA TRP A 227 22.32 2.40 -6.25
C TRP A 227 20.90 2.88 -6.52
N ALA A 228 19.91 2.15 -6.01
CA ALA A 228 18.51 2.46 -6.32
C ALA A 228 17.91 3.48 -5.37
N GLY A 229 18.70 4.08 -4.50
CA GLY A 229 18.14 5.04 -3.55
C GLY A 229 17.22 4.42 -2.52
N ILE A 230 17.37 3.12 -2.28
CA ILE A 230 16.54 2.40 -1.33
C ILE A 230 17.17 2.47 0.04
N LYS A 231 16.35 2.69 1.06
CA LYS A 231 16.82 2.72 2.44
C LYS A 231 16.54 1.37 3.09
N GLN A 232 17.58 0.74 3.63
CA GLN A 232 17.46 -0.56 4.26
C GLN A 232 17.06 -0.39 5.72
N GLU A 233 16.22 -1.31 6.21
CA GLU A 233 15.75 -1.27 7.60
C GLU A 233 15.62 -2.71 8.09
N PHE A 234 16.65 -3.19 8.78
CA PHE A 234 16.62 -4.53 9.32
C PHE A 234 15.80 -4.58 10.60
N GLY A 235 15.14 -5.70 10.82
CA GLY A 235 14.41 -5.90 12.05
C GLY A 235 15.30 -6.33 13.18
N ILE A 236 14.71 -6.43 14.37
CA ILE A 236 15.46 -6.90 15.54
C ILE A 236 15.88 -8.35 15.32
N PRO A 237 17.11 -8.72 15.65
CA PRO A 237 17.53 -10.12 15.44
C PRO A 237 16.64 -11.09 16.21
N TYR A 238 16.29 -12.18 15.53
CA TYR A 238 15.51 -13.27 16.13
C TYR A 238 14.15 -12.80 16.60
N ASN A 239 13.58 -11.80 15.93
CA ASN A 239 12.22 -11.32 16.21
C ASN A 239 11.43 -11.42 14.92
N PRO A 240 10.93 -12.61 14.59
CA PRO A 240 10.18 -12.76 13.33
C PRO A 240 8.94 -11.90 13.26
N GLN A 241 8.27 -11.66 14.38
CA GLN A 241 7.08 -10.82 14.38
C GLN A 241 7.34 -9.43 13.85
N SER A 242 8.59 -8.98 13.86
CA SER A 242 8.89 -7.65 13.34
C SER A 242 8.63 -7.57 11.84
N GLN A 243 8.70 -8.70 11.14
CA GLN A 243 8.32 -8.78 9.74
C GLN A 243 6.90 -9.31 9.57
N GLY A 244 6.06 -9.08 10.58
CA GLY A 244 4.74 -9.68 10.67
C GLY A 244 3.91 -9.65 9.40
N VAL A 245 4.17 -8.68 8.53
CA VAL A 245 3.44 -8.64 7.26
C VAL A 245 3.90 -9.78 6.35
N ILE A 246 5.18 -9.74 5.95
CA ILE A 246 5.63 -10.66 4.90
C ILE A 246 5.45 -12.10 5.33
N GLU A 247 5.81 -12.43 6.57
CA GLU A 247 5.63 -13.80 7.03
C GLU A 247 4.19 -14.24 6.86
N SER A 248 3.26 -13.37 7.25
CA SER A 248 1.84 -13.66 7.03
C SER A 248 1.58 -13.97 5.56
N MET A 249 2.02 -13.08 4.67
CA MET A 249 1.84 -13.31 3.24
C MET A 249 2.42 -14.65 2.83
N ASN A 250 3.59 -14.99 3.37
CA ASN A 250 4.16 -16.31 3.14
C ASN A 250 3.11 -17.39 3.29
N LYS A 251 2.51 -17.46 4.49
CA LYS A 251 1.41 -18.38 4.73
C LYS A 251 0.40 -18.33 3.60
N GLU A 252 -0.19 -17.16 3.38
CA GLU A 252 -1.17 -17.00 2.33
C GLU A 252 -0.63 -17.51 1.01
N LEU A 253 0.55 -17.03 0.62
CA LEU A 253 1.13 -17.45 -0.64
C LEU A 253 1.20 -18.97 -0.71
N LYS A 254 1.76 -19.60 0.33
CA LYS A 254 1.88 -21.05 0.32
C LYS A 254 0.51 -21.69 0.15
N LYS A 255 -0.48 -21.20 0.90
CA LYS A 255 -1.82 -21.75 0.81
C LYS A 255 -2.32 -21.71 -0.63
N ILE A 256 -2.10 -20.59 -1.31
CA ILE A 256 -2.59 -20.46 -2.67
C ILE A 256 -1.87 -21.44 -3.58
N ILE A 257 -0.58 -21.66 -3.35
CA ILE A 257 0.13 -22.68 -4.10
C ILE A 257 -0.51 -24.04 -3.86
N GLY A 258 -0.87 -24.32 -2.60
CA GLY A 258 -1.55 -25.56 -2.27
C GLY A 258 -2.88 -25.73 -2.96
N GLN A 259 -3.37 -24.70 -3.66
CA GLN A 259 -4.60 -24.82 -4.42
C GLN A 259 -4.37 -24.95 -5.91
N VAL A 260 -3.19 -24.57 -6.41
CA VAL A 260 -2.95 -24.57 -7.84
C VAL A 260 -1.69 -25.36 -8.18
N ARG A 261 -1.11 -26.03 -7.19
CA ARG A 261 0.13 -26.75 -7.42
C ARG A 261 -0.05 -27.83 -8.48
N ASP A 262 -1.24 -28.40 -8.60
CA ASP A 262 -1.50 -29.44 -9.58
C ASP A 262 -1.94 -28.88 -10.93
N GLN A 263 -2.00 -27.55 -11.07
CA GLN A 263 -2.29 -26.94 -12.36
C GLN A 263 -1.04 -26.51 -13.11
N ALA A 264 0.13 -26.69 -12.52
CA ALA A 264 1.39 -26.36 -13.16
C ALA A 264 2.38 -27.50 -12.98
N GLU A 265 3.15 -27.76 -14.03
CA GLU A 265 4.12 -28.85 -13.96
C GLU A 265 5.25 -28.52 -13.00
N HIS A 266 5.96 -27.42 -13.24
CA HIS A 266 7.06 -27.01 -12.39
C HIS A 266 6.52 -26.29 -11.15
N LEU A 267 7.42 -25.66 -10.41
CA LEU A 267 7.01 -24.90 -9.24
C LEU A 267 6.97 -23.41 -9.49
N LYS A 268 7.91 -22.88 -10.28
CA LYS A 268 7.94 -21.45 -10.53
C LYS A 268 6.65 -20.98 -11.21
N THR A 269 6.13 -21.80 -12.13
CA THR A 269 4.85 -21.46 -12.75
C THR A 269 3.75 -21.38 -11.70
N ALA A 270 3.73 -22.33 -10.76
CA ALA A 270 2.73 -22.30 -9.72
C ALA A 270 2.88 -21.08 -8.82
N VAL A 271 4.12 -20.66 -8.57
CA VAL A 271 4.33 -19.49 -7.72
C VAL A 271 3.83 -18.23 -8.42
N GLN A 272 4.09 -18.11 -9.72
CA GLN A 272 3.58 -16.95 -10.44
C GLN A 272 2.06 -16.97 -10.52
N MET A 273 1.47 -18.17 -10.66
CA MET A 273 0.01 -18.26 -10.65
C MET A 273 -0.55 -17.87 -9.28
N ALA A 274 0.15 -18.23 -8.21
CA ALA A 274 -0.30 -17.86 -6.88
C ALA A 274 -0.19 -16.35 -6.67
N VAL A 275 0.86 -15.74 -7.21
CA VAL A 275 0.97 -14.28 -7.14
C VAL A 275 -0.19 -13.65 -7.90
N PHE A 276 -0.50 -14.15 -9.09
CA PHE A 276 -1.62 -13.65 -9.86
C PHE A 276 -2.91 -13.74 -9.05
N ILE A 277 -3.17 -14.90 -8.45
CA ILE A 277 -4.41 -15.11 -7.72
C ILE A 277 -4.48 -14.19 -6.50
N HIS A 278 -3.36 -14.02 -5.80
CA HIS A 278 -3.38 -13.20 -4.60
C HIS A 278 -3.49 -11.72 -4.93
N ASN A 279 -3.04 -11.30 -6.11
CA ASN A 279 -3.06 -9.89 -6.43
C ASN A 279 -4.34 -9.45 -7.13
N PHE A 280 -4.91 -10.30 -8.00
CA PHE A 280 -5.99 -9.83 -8.85
C PHE A 280 -7.27 -10.65 -8.77
N LYS A 281 -7.29 -11.76 -8.04
CA LYS A 281 -8.48 -12.58 -7.94
C LYS A 281 -8.90 -12.87 -6.52
N ARG A 282 -8.44 -12.09 -5.55
CA ARG A 282 -8.81 -12.25 -4.15
C ARG A 282 -9.02 -10.88 -3.54
N LYS A 283 -10.27 -10.43 -3.52
CA LYS A 283 -10.61 -9.13 -2.95
C LYS A 283 -10.83 -9.26 -1.45
N GLY A 284 -10.92 -8.11 -0.81
CA GLY A 284 -11.06 -8.04 0.63
C GLY A 284 -10.43 -6.75 1.13
N GLY A 285 -9.53 -6.89 2.11
CA GLY A 285 -8.74 -5.77 2.56
C GLY A 285 -9.56 -4.61 3.09
N ILE A 286 -8.99 -3.41 2.99
CA ILE A 286 -9.61 -2.25 3.59
C ILE A 286 -10.66 -1.64 2.69
N GLY A 287 -10.33 -1.40 1.42
CA GLY A 287 -11.26 -0.71 0.54
C GLY A 287 -12.10 -1.61 -0.31
N GLY A 288 -12.22 -2.88 0.06
CA GLY A 288 -12.88 -3.84 -0.79
C GLY A 288 -12.14 -4.16 -2.06
N TYR A 289 -10.90 -3.72 -2.19
CA TYR A 289 -10.08 -3.94 -3.37
C TYR A 289 -9.43 -5.30 -3.33
N SER A 290 -8.91 -5.71 -4.49
CA SER A 290 -7.89 -6.74 -4.53
C SER A 290 -6.56 -6.11 -4.14
N ALA A 291 -5.49 -6.90 -4.18
CA ALA A 291 -4.20 -6.36 -3.80
C ALA A 291 -3.70 -5.35 -4.83
N GLY A 292 -3.70 -5.72 -6.10
CA GLY A 292 -3.17 -4.84 -7.12
C GLY A 292 -3.95 -3.55 -7.26
N GLU A 293 -5.28 -3.63 -7.23
CA GLU A 293 -6.08 -2.42 -7.25
C GLU A 293 -5.76 -1.54 -6.05
N ARG A 294 -5.54 -2.16 -4.89
CA ARG A 294 -5.27 -1.38 -3.69
C ARG A 294 -3.91 -0.69 -3.76
N ILE A 295 -2.91 -1.36 -4.35
CA ILE A 295 -1.60 -0.71 -4.44
C ILE A 295 -1.63 0.40 -5.49
N VAL A 296 -2.35 0.19 -6.59
CA VAL A 296 -2.50 1.26 -7.57
C VAL A 296 -3.19 2.46 -6.94
N ASP A 297 -4.24 2.22 -6.15
CA ASP A 297 -4.92 3.30 -5.47
C ASP A 297 -4.00 3.99 -4.47
N ILE A 298 -3.25 3.21 -3.69
CA ILE A 298 -2.34 3.78 -2.70
C ILE A 298 -1.35 4.73 -3.36
N ILE A 299 -0.72 4.29 -4.44
CA ILE A 299 0.32 5.09 -5.07
C ILE A 299 -0.28 6.31 -5.77
N ALA A 300 -1.41 6.11 -6.49
CA ALA A 300 -2.05 7.24 -7.16
C ALA A 300 -2.49 8.28 -6.14
N THR A 301 -3.05 7.84 -5.01
CA THR A 301 -3.49 8.77 -3.98
C THR A 301 -2.32 9.48 -3.33
N ASP A 302 -1.21 8.77 -3.13
CA ASP A 302 -0.02 9.42 -2.61
C ASP A 302 0.42 10.56 -3.54
N ILE A 303 0.50 10.28 -4.84
CA ILE A 303 0.94 11.30 -5.78
C ILE A 303 -0.04 12.48 -5.80
N GLN A 304 -1.34 12.18 -5.91
CA GLN A 304 -2.33 13.24 -6.02
C GLN A 304 -2.36 14.09 -4.75
N THR A 305 -2.30 13.46 -3.58
CA THR A 305 -2.33 14.22 -2.34
C THR A 305 -1.08 15.05 -2.18
N LYS A 306 0.08 14.52 -2.57
CA LYS A 306 1.29 15.33 -2.52
C LYS A 306 1.16 16.56 -3.39
N GLU A 307 0.64 16.38 -4.61
CA GLU A 307 0.49 17.53 -5.52
C GLU A 307 -0.48 18.55 -4.95
N LEU A 308 -1.65 18.10 -4.50
CA LEU A 308 -2.65 19.04 -3.98
C LEU A 308 -2.14 19.78 -2.75
N GLN A 309 -1.49 19.06 -1.83
CA GLN A 309 -0.99 19.70 -0.63
C GLN A 309 0.13 20.67 -0.94
N LYS A 310 0.98 20.33 -1.91
CA LYS A 310 2.02 21.27 -2.34
C LYS A 310 1.41 22.55 -2.86
N GLN A 311 0.41 22.43 -3.73
CA GLN A 311 -0.22 23.62 -4.29
C GLN A 311 -0.87 24.46 -3.19
N ILE A 312 -1.62 23.80 -2.30
CA ILE A 312 -2.32 24.53 -1.24
C ILE A 312 -1.31 25.25 -0.35
N THR A 313 -0.27 24.56 0.09
CA THR A 313 0.76 25.19 0.90
C THR A 313 1.41 26.36 0.16
N LYS A 314 1.54 26.24 -1.17
CA LYS A 314 2.03 27.37 -1.94
C LYS A 314 1.08 28.56 -1.89
N ILE A 315 -0.23 28.32 -1.88
CA ILE A 315 -1.21 29.40 -1.88
C ILE A 315 -1.57 29.86 -0.48
N GLN A 316 -2.03 28.95 0.38
CA GLN A 316 -2.55 29.31 1.69
C GLN A 316 -1.38 29.62 2.63
N ASN A 317 -1.04 30.89 2.74
CA ASN A 317 0.08 31.35 3.58
C ASN A 317 -0.48 32.27 4.66
N PHE A 318 -0.72 31.71 5.84
CA PHE A 318 -1.24 32.45 6.98
C PHE A 318 -0.37 32.16 8.19
N ARG A 319 0.22 33.21 8.77
CA ARG A 319 0.88 33.06 10.05
C ARG A 319 -0.16 32.99 11.15
N VAL A 320 0.12 32.19 12.18
CA VAL A 320 -0.83 31.93 13.25
C VAL A 320 -0.23 32.41 14.57
N TYR A 321 -1.12 32.76 15.50
CA TYR A 321 -0.73 33.12 16.85
C TYR A 321 -1.72 32.49 17.82
N TYR A 322 -1.20 31.84 18.85
CA TYR A 322 -2.02 31.07 19.76
C TYR A 322 -1.42 31.08 21.16
N GLY A 332 3.74 32.20 19.80
CA GLY A 332 4.81 31.98 18.84
C GLY A 332 4.30 31.77 17.43
N PRO A 333 4.96 32.38 16.45
CA PRO A 333 4.49 32.28 15.06
C PRO A 333 4.75 30.90 14.47
N ALA A 334 3.70 30.10 14.36
CA ALA A 334 3.72 28.82 13.70
C ALA A 334 3.19 28.96 12.28
N LYS A 335 2.95 27.85 11.61
CA LYS A 335 2.38 27.83 10.27
C LYS A 335 0.97 27.26 10.32
N LEU A 336 0.08 27.84 9.52
CA LEU A 336 -1.30 27.38 9.48
C LEU A 336 -1.44 26.19 8.54
N LEU A 337 -2.22 25.20 8.96
CA LEU A 337 -2.41 23.99 8.18
C LEU A 337 -3.85 23.83 7.69
N TRP A 338 -4.82 23.91 8.60
CA TRP A 338 -6.22 23.76 8.21
C TRP A 338 -7.09 24.41 9.28
N LYS A 339 -8.00 25.27 8.84
CA LYS A 339 -8.93 25.95 9.74
C LYS A 339 -10.35 25.76 9.24
N GLY A 340 -11.13 24.95 9.94
CA GLY A 340 -12.52 24.81 9.56
C GLY A 340 -13.49 24.83 10.72
N GLU A 341 -14.32 25.88 10.76
CA GLU A 341 -15.55 25.94 11.54
C GLU A 341 -15.44 25.26 12.89
N GLY A 342 -14.37 25.59 13.62
CA GLY A 342 -14.26 25.11 14.99
C GLY A 342 -12.91 24.58 15.43
N ALA A 343 -11.92 24.61 14.54
CA ALA A 343 -10.60 24.12 14.92
C ALA A 343 -9.57 24.72 13.98
N VAL A 344 -8.32 24.71 14.44
CA VAL A 344 -7.18 25.21 13.68
C VAL A 344 -5.99 24.32 13.96
N VAL A 345 -5.38 23.79 12.91
CA VAL A 345 -4.20 22.95 13.04
C VAL A 345 -2.96 23.76 12.70
N ILE A 346 -2.03 23.83 13.64
CA ILE A 346 -0.83 24.64 13.50
C ILE A 346 0.39 23.73 13.51
N GLN A 347 1.50 24.24 12.97
CA GLN A 347 2.76 23.52 12.95
C GLN A 347 3.81 24.41 13.60
N ASP A 348 4.08 24.16 14.88
CA ASP A 348 4.95 25.03 15.68
C ASP A 348 6.30 24.35 15.84
N ASN A 349 7.27 24.76 15.02
CA ASN A 349 8.65 24.31 15.12
C ASN A 349 8.74 22.78 15.20
N SER A 350 8.28 22.14 14.14
CA SER A 350 8.28 20.68 14.01
C SER A 350 7.49 20.02 15.14
N ASP A 351 6.31 20.56 15.42
CA ASP A 351 5.40 19.96 16.40
C ASP A 351 3.98 20.34 16.00
N ILE A 352 3.29 19.44 15.32
CA ILE A 352 1.94 19.72 14.84
C ILE A 352 0.97 19.65 16.02
N LYS A 353 0.24 20.74 16.23
CA LYS A 353 -0.75 20.81 17.29
C LYS A 353 -2.11 21.18 16.71
N VAL A 354 -3.15 20.90 17.49
CA VAL A 354 -4.53 21.23 17.12
C VAL A 354 -5.14 22.04 18.25
N VAL A 355 -5.68 23.21 17.91
CA VAL A 355 -6.29 24.10 18.91
C VAL A 355 -7.70 24.38 18.44
N PRO A 356 -8.58 24.80 19.35
CA PRO A 356 -9.90 25.30 18.94
C PRO A 356 -9.74 26.68 18.31
N ARG A 357 -10.86 27.21 17.84
CA ARG A 357 -10.85 28.59 17.32
C ARG A 357 -10.44 29.57 18.40
N ARG A 358 -10.91 29.34 19.64
CA ARG A 358 -10.42 30.10 20.77
C ARG A 358 -8.93 29.82 20.99
N LYS A 359 -8.28 30.75 21.69
CA LYS A 359 -6.84 30.65 21.95
C LYS A 359 -6.06 30.54 20.65
N ALA A 360 -6.56 31.21 19.62
CA ALA A 360 -5.90 31.20 18.32
C ALA A 360 -6.38 32.37 17.49
N LYS A 361 -5.43 33.02 16.83
CA LYS A 361 -5.74 34.11 15.90
C LYS A 361 -4.94 33.90 14.63
N ILE A 362 -5.45 34.41 13.52
CA ILE A 362 -4.86 34.21 12.21
C ILE A 362 -4.56 35.57 11.60
N ILE A 363 -3.43 35.66 10.91
CA ILE A 363 -3.04 36.88 10.22
C ILE A 363 -3.05 36.65 8.72
N PHE B 96 -28.97 18.67 -5.18
CA PHE B 96 -28.78 17.80 -6.33
C PHE B 96 -29.58 18.27 -7.53
N LEU B 97 -30.82 18.72 -7.26
CA LEU B 97 -31.71 19.13 -8.33
C LEU B 97 -31.15 20.32 -9.11
N ASP B 98 -30.44 21.22 -8.43
CA ASP B 98 -29.88 22.38 -9.11
C ASP B 98 -28.74 22.01 -10.05
N GLY B 99 -28.12 20.86 -9.86
CA GLY B 99 -26.95 20.49 -10.62
C GLY B 99 -27.22 19.75 -11.91
N ILE B 100 -28.30 18.96 -11.94
CA ILE B 100 -28.56 18.10 -13.11
C ILE B 100 -28.83 18.94 -14.34
N ASP B 101 -29.79 19.88 -14.24
CA ASP B 101 -30.11 20.73 -15.37
C ASP B 101 -28.92 21.57 -15.79
N LYS B 102 -28.17 22.10 -14.81
CA LYS B 102 -26.98 22.87 -15.13
C LYS B 102 -25.98 22.04 -15.92
N ALA B 103 -25.75 20.80 -15.49
CA ALA B 103 -24.76 19.96 -16.16
C ALA B 103 -25.21 19.58 -17.57
N GLN B 104 -26.48 19.24 -17.74
CA GLN B 104 -26.92 18.88 -19.08
C GLN B 104 -26.97 20.09 -20.01
N GLU B 105 -27.26 21.28 -19.47
CA GLU B 105 -27.18 22.49 -20.28
C GLU B 105 -25.74 22.79 -20.65
N GLU B 106 -24.80 22.58 -19.73
CA GLU B 106 -23.39 22.80 -20.04
C GLU B 106 -22.91 21.82 -21.11
N HIS B 107 -23.39 20.58 -21.06
CA HIS B 107 -23.00 19.61 -22.09
C HIS B 107 -23.61 19.99 -23.43
N GLU B 108 -24.88 20.39 -23.46
CA GLU B 108 -25.46 20.88 -24.70
C GLU B 108 -24.74 22.11 -25.19
N LYS B 109 -24.09 22.86 -24.29
CA LYS B 109 -23.33 24.03 -24.69
C LYS B 109 -22.03 23.64 -25.38
N TYR B 110 -21.13 22.94 -24.67
CA TYR B 110 -19.88 22.56 -25.31
C TYR B 110 -19.41 21.14 -24.98
N HIS B 111 -20.31 20.25 -24.55
CA HIS B 111 -20.08 18.82 -24.52
C HIS B 111 -18.81 18.46 -23.74
N SER B 112 -18.85 18.76 -22.44
CA SER B 112 -17.78 18.31 -21.57
C SER B 112 -17.90 16.80 -21.32
N ASN B 113 -16.91 16.26 -20.62
CA ASN B 113 -16.91 14.85 -20.28
C ASN B 113 -17.59 14.63 -18.94
N TRP B 114 -17.92 13.36 -18.66
CA TRP B 114 -18.72 13.07 -17.47
C TRP B 114 -17.91 13.27 -16.20
N ARG B 115 -16.60 13.02 -16.23
CA ARG B 115 -15.79 13.28 -15.05
C ARG B 115 -15.78 14.76 -14.71
N ALA B 116 -15.75 15.63 -15.73
CA ALA B 116 -15.81 17.06 -15.48
C ALA B 116 -17.14 17.45 -14.84
N MET B 117 -18.25 16.91 -15.35
CA MET B 117 -19.55 17.22 -14.77
C MET B 117 -19.62 16.73 -13.32
N ALA B 118 -19.12 15.52 -13.06
CA ALA B 118 -19.12 15.01 -11.70
C ALA B 118 -18.31 15.88 -10.76
N SER B 119 -17.14 16.32 -11.19
CA SER B 119 -16.29 17.15 -10.33
C SER B 119 -16.74 18.60 -10.28
N ASP B 120 -17.69 19.00 -11.13
CA ASP B 120 -18.11 20.40 -11.17
C ASP B 120 -19.39 20.65 -10.36
N PHE B 121 -20.38 19.77 -10.48
CA PHE B 121 -21.67 19.97 -9.83
C PHE B 121 -21.95 18.97 -8.72
N ASN B 122 -20.93 18.20 -8.31
CA ASN B 122 -21.09 17.20 -7.25
C ASN B 122 -22.19 16.20 -7.59
N LEU B 123 -22.17 15.70 -8.81
CA LEU B 123 -23.16 14.73 -9.24
C LEU B 123 -22.63 13.31 -9.04
N PRO B 124 -23.52 12.36 -8.77
CA PRO B 124 -23.12 10.95 -8.79
C PRO B 124 -22.68 10.55 -10.18
N PRO B 125 -21.55 9.84 -10.30
CA PRO B 125 -21.00 9.57 -11.64
C PRO B 125 -21.97 8.87 -12.58
N VAL B 126 -22.90 8.08 -12.06
CA VAL B 126 -23.87 7.42 -12.93
C VAL B 126 -24.74 8.45 -13.63
N VAL B 127 -25.16 9.49 -12.91
CA VAL B 127 -26.00 10.51 -13.51
C VAL B 127 -25.24 11.24 -14.61
N ALA B 128 -23.97 11.55 -14.37
CA ALA B 128 -23.17 12.22 -15.38
C ALA B 128 -22.97 11.33 -16.59
N LYS B 129 -22.75 10.03 -16.37
CA LYS B 129 -22.62 9.10 -17.50
C LYS B 129 -23.90 9.07 -18.32
N GLU B 130 -25.05 9.09 -17.65
CA GLU B 130 -26.31 9.10 -18.40
C GLU B 130 -26.49 10.40 -19.17
N ILE B 131 -26.13 11.54 -18.57
CA ILE B 131 -26.23 12.81 -19.27
C ILE B 131 -25.33 12.80 -20.51
N VAL B 132 -24.14 12.21 -20.39
CA VAL B 132 -23.27 12.08 -21.56
C VAL B 132 -23.94 11.21 -22.62
N ALA B 133 -24.48 10.06 -22.21
CA ALA B 133 -25.17 9.19 -23.15
C ALA B 133 -26.46 9.78 -23.67
N SER B 134 -26.88 10.94 -23.17
CA SER B 134 -28.08 11.60 -23.66
C SER B 134 -27.87 12.35 -24.97
N CYS B 135 -26.62 12.57 -25.38
CA CYS B 135 -26.32 13.23 -26.65
C CYS B 135 -25.75 12.20 -27.61
N ASP B 136 -26.28 12.18 -28.84
CA ASP B 136 -25.81 11.22 -29.83
C ASP B 136 -24.37 11.49 -30.25
N LYS B 137 -24.00 12.75 -30.44
CA LYS B 137 -22.66 13.08 -30.91
C LYS B 137 -21.59 12.68 -29.91
N CYS B 138 -21.90 12.67 -28.62
CA CYS B 138 -20.94 12.28 -27.61
C CYS B 138 -20.88 10.76 -27.45
N SER B 152 -7.79 -0.87 -23.94
CA SER B 152 -7.01 0.34 -24.17
C SER B 152 -5.89 0.57 -23.14
N PRO B 153 -6.17 0.39 -21.83
CA PRO B 153 -5.10 0.47 -20.84
C PRO B 153 -4.45 -0.85 -20.50
N GLY B 154 -4.85 -1.94 -21.15
CA GLY B 154 -4.26 -3.23 -20.90
C GLY B 154 -3.60 -3.82 -22.15
N ILE B 155 -3.21 -2.95 -23.07
CA ILE B 155 -2.62 -3.38 -24.33
C ILE B 155 -1.11 -3.34 -24.17
N TRP B 156 -0.52 -4.46 -23.79
CA TRP B 156 0.93 -4.57 -23.69
C TRP B 156 1.50 -5.07 -25.00
N GLN B 157 2.76 -4.74 -25.25
CA GLN B 157 3.44 -5.09 -26.49
C GLN B 157 4.76 -5.74 -26.14
N LEU B 158 4.91 -7.03 -26.46
CA LEU B 158 6.10 -7.78 -26.15
C LEU B 158 6.98 -7.94 -27.38
N ASP B 159 8.28 -8.11 -27.13
CA ASP B 159 9.22 -8.36 -28.23
C ASP B 159 10.51 -8.88 -27.64
N CYS B 160 11.35 -9.43 -28.51
CA CYS B 160 12.65 -9.97 -28.15
C CYS B 160 13.73 -9.12 -28.79
N THR B 161 14.81 -8.85 -28.05
CA THR B 161 15.92 -8.06 -28.56
C THR B 161 17.24 -8.74 -28.19
N HIS B 162 18.11 -8.87 -29.19
CA HIS B 162 19.43 -9.47 -28.99
C HIS B 162 20.43 -8.39 -28.61
N LEU B 163 21.32 -8.72 -27.69
CA LEU B 163 22.33 -7.77 -27.23
C LEU B 163 23.43 -8.55 -26.51
N GLU B 164 24.68 -8.34 -26.92
CA GLU B 164 25.82 -9.04 -26.35
C GLU B 164 25.64 -10.55 -26.41
N GLY B 165 24.90 -11.03 -27.40
CA GLY B 165 24.65 -12.44 -27.56
C GLY B 165 23.54 -13.02 -26.72
N LYS B 166 22.98 -12.24 -25.79
CA LYS B 166 21.87 -12.70 -24.96
C LYS B 166 20.60 -12.00 -25.38
N VAL B 167 19.47 -12.67 -25.15
CA VAL B 167 18.16 -12.19 -25.58
C VAL B 167 17.41 -11.63 -24.39
N ILE B 168 16.77 -10.48 -24.59
CA ILE B 168 16.01 -9.81 -23.55
C ILE B 168 14.58 -9.65 -24.04
N LEU B 169 13.63 -10.01 -23.18
CA LEU B 169 12.23 -9.74 -23.44
C LEU B 169 11.88 -8.34 -22.97
N VAL B 170 11.22 -7.58 -23.83
CA VAL B 170 10.80 -6.21 -23.54
C VAL B 170 9.30 -6.15 -23.70
N ALA B 171 8.61 -5.71 -22.64
CA ALA B 171 7.17 -5.54 -22.65
C ALA B 171 6.87 -4.09 -22.35
N VAL B 172 6.22 -3.41 -23.29
CA VAL B 172 5.93 -1.99 -23.20
C VAL B 172 4.42 -1.82 -23.04
N HIS B 173 4.01 -1.12 -22.01
CA HIS B 173 2.62 -0.72 -21.87
C HIS B 173 2.37 0.42 -22.84
N VAL B 174 1.62 0.14 -23.91
CA VAL B 174 1.51 1.07 -25.03
C VAL B 174 1.00 2.42 -24.58
N ALA B 175 -0.03 2.43 -23.72
CA ALA B 175 -0.68 3.69 -23.37
C ALA B 175 0.16 4.57 -22.45
N SER B 176 1.24 4.06 -21.86
CA SER B 176 1.98 4.84 -20.89
C SER B 176 3.46 4.95 -21.22
N GLY B 177 4.06 3.88 -21.73
CA GLY B 177 5.48 3.84 -21.97
C GLY B 177 6.27 3.12 -20.90
N TYR B 178 5.62 2.76 -19.79
CA TYR B 178 6.25 1.92 -18.78
C TYR B 178 6.79 0.64 -19.42
N ILE B 179 7.99 0.25 -19.02
CA ILE B 179 8.70 -0.85 -19.68
C ILE B 179 9.00 -1.93 -18.64
N GLU B 180 9.13 -3.16 -19.14
CA GLU B 180 9.55 -4.29 -18.32
C GLU B 180 10.45 -5.18 -19.17
N ALA B 181 11.73 -5.25 -18.82
CA ALA B 181 12.66 -6.08 -19.54
C ALA B 181 13.17 -7.20 -18.64
N GLU B 182 13.66 -8.25 -19.29
CA GLU B 182 14.18 -9.40 -18.55
C GLU B 182 15.09 -10.21 -19.46
N VAL B 183 16.31 -10.46 -19.00
CA VAL B 183 17.23 -11.29 -19.77
C VAL B 183 16.80 -12.75 -19.63
N ILE B 184 16.47 -13.39 -20.74
CA ILE B 184 16.09 -14.80 -20.69
C ILE B 184 17.21 -15.62 -21.32
N PRO B 185 17.43 -16.86 -20.88
CA PRO B 185 18.57 -17.62 -21.43
C PRO B 185 18.41 -18.00 -22.88
N ALA B 186 17.20 -18.28 -23.35
CA ALA B 186 17.01 -18.70 -24.73
C ALA B 186 15.63 -18.27 -25.20
N GLU B 187 15.56 -17.85 -26.47
CA GLU B 187 14.32 -17.36 -27.06
C GLU B 187 13.41 -18.54 -27.42
N THR B 188 12.94 -19.20 -26.37
CA THR B 188 12.05 -20.36 -26.50
C THR B 188 10.65 -19.98 -26.03
N GLY B 189 9.73 -20.93 -26.17
CA GLY B 189 8.36 -20.69 -25.76
C GLY B 189 8.15 -20.75 -24.27
N GLN B 190 8.86 -21.65 -23.58
CA GLN B 190 8.66 -21.82 -22.14
C GLN B 190 9.03 -20.56 -21.38
N GLU B 191 10.19 -19.98 -21.69
CA GLU B 191 10.62 -18.78 -20.99
C GLU B 191 9.71 -17.60 -21.30
N THR B 192 9.23 -17.51 -22.54
CA THR B 192 8.30 -16.45 -22.89
C THR B 192 6.99 -16.60 -22.12
N ALA B 193 6.47 -17.82 -22.01
CA ALA B 193 5.25 -18.03 -21.24
C ALA B 193 5.48 -17.69 -19.77
N TYR B 194 6.64 -18.04 -19.23
CA TYR B 194 6.95 -17.72 -17.85
C TYR B 194 6.98 -16.22 -17.62
N PHE B 195 7.67 -15.49 -18.49
CA PHE B 195 7.73 -14.04 -18.35
C PHE B 195 6.35 -13.42 -18.51
N LEU B 196 5.54 -13.94 -19.42
CA LEU B 196 4.21 -13.39 -19.63
C LEU B 196 3.31 -13.66 -18.43
N LEU B 197 3.47 -14.82 -17.80
CA LEU B 197 2.70 -15.11 -16.59
C LEU B 197 3.13 -14.20 -15.44
N LYS B 198 4.44 -13.95 -15.33
CA LYS B 198 4.91 -12.97 -14.36
C LYS B 198 4.26 -11.61 -14.59
N LEU B 199 4.34 -11.12 -15.82
CA LEU B 199 3.76 -9.82 -16.15
C LEU B 199 2.26 -9.79 -15.90
N ALA B 200 1.58 -10.92 -16.10
CA ALA B 200 0.14 -10.96 -15.85
C ALA B 200 -0.15 -10.92 -14.36
N GLY B 201 0.70 -11.55 -13.55
CA GLY B 201 0.52 -11.47 -12.12
C GLY B 201 0.81 -10.10 -11.56
N ARG B 202 1.79 -9.40 -12.13
CA ARG B 202 2.19 -8.10 -11.60
C ARG B 202 1.23 -6.98 -11.99
N TRP B 203 1.00 -6.79 -13.29
CA TRP B 203 0.20 -5.69 -13.80
C TRP B 203 -1.09 -6.20 -14.43
N PRO B 204 -2.16 -5.41 -14.40
CA PRO B 204 -3.43 -5.86 -14.96
C PRO B 204 -3.43 -5.91 -16.48
N VAL B 205 -2.74 -6.87 -17.07
CA VAL B 205 -2.70 -7.01 -18.52
C VAL B 205 -3.97 -7.70 -18.98
N LYS B 206 -4.54 -7.21 -20.09
CA LYS B 206 -5.72 -7.83 -20.68
C LYS B 206 -5.54 -8.19 -22.14
N THR B 207 -4.47 -7.74 -22.80
CA THR B 207 -4.21 -8.11 -24.19
C THR B 207 -2.73 -7.91 -24.46
N VAL B 208 -2.15 -8.84 -25.20
CA VAL B 208 -0.73 -8.81 -25.56
C VAL B 208 -0.63 -8.76 -27.08
N HIS B 209 0.08 -7.76 -27.59
CA HIS B 209 0.21 -7.53 -29.02
C HIS B 209 1.65 -7.80 -29.41
N THR B 210 1.93 -9.03 -29.82
CA THR B 210 3.28 -9.47 -30.14
C THR B 210 3.58 -9.24 -31.62
N ASP B 211 4.68 -9.83 -32.09
CA ASP B 211 5.19 -9.58 -33.44
C ASP B 211 5.19 -10.83 -34.31
N ASN B 212 4.36 -11.83 -33.99
CA ASN B 212 4.23 -13.04 -34.79
C ASN B 212 5.56 -13.77 -34.91
N GLY B 213 6.36 -13.73 -33.85
CA GLY B 213 7.63 -14.41 -33.85
C GLY B 213 7.47 -15.91 -33.80
N SER B 214 8.61 -16.59 -33.65
CA SER B 214 8.63 -18.04 -33.58
C SER B 214 8.32 -18.57 -32.19
N ASN B 215 8.31 -17.72 -31.17
CA ASN B 215 8.08 -18.15 -29.80
C ASN B 215 6.76 -17.67 -29.24
N PHE B 216 6.29 -16.49 -29.63
CA PHE B 216 5.05 -15.94 -29.10
C PHE B 216 3.82 -16.64 -29.63
N THR B 217 3.96 -17.54 -30.60
CA THR B 217 2.84 -18.31 -31.11
C THR B 217 2.92 -19.77 -30.68
N SER B 218 3.80 -20.10 -29.74
CA SER B 218 3.93 -21.47 -29.28
C SER B 218 2.70 -21.89 -28.48
N THR B 219 2.60 -23.20 -28.22
CA THR B 219 1.47 -23.71 -27.49
C THR B 219 1.56 -23.38 -26.00
N THR B 220 2.77 -23.28 -25.46
CA THR B 220 2.91 -22.94 -24.05
C THR B 220 2.51 -21.50 -23.78
N VAL B 221 2.89 -20.59 -24.67
CA VAL B 221 2.46 -19.20 -24.53
C VAL B 221 0.95 -19.10 -24.68
N LYS B 222 0.37 -19.89 -25.59
CA LYS B 222 -1.08 -19.88 -25.76
C LYS B 222 -1.78 -20.39 -24.51
N ALA B 223 -1.20 -21.40 -23.86
CA ALA B 223 -1.78 -21.90 -22.61
C ALA B 223 -1.68 -20.84 -21.52
N ALA B 224 -0.52 -20.21 -21.38
CA ALA B 224 -0.35 -19.19 -20.35
C ALA B 224 -1.26 -17.98 -20.62
N CYS B 225 -1.61 -17.75 -21.88
CA CYS B 225 -2.53 -16.67 -22.19
C CYS B 225 -3.98 -17.07 -21.90
N TRP B 226 -4.32 -18.33 -22.14
CA TRP B 226 -5.68 -18.79 -21.84
C TRP B 226 -5.90 -18.86 -20.33
N TRP B 227 -4.84 -19.13 -19.56
CA TRP B 227 -4.99 -19.19 -18.11
C TRP B 227 -5.22 -17.81 -17.53
N ALA B 228 -4.31 -16.87 -17.78
CA ALA B 228 -4.44 -15.53 -17.23
C ALA B 228 -5.54 -14.72 -17.89
N GLY B 229 -6.29 -15.30 -18.82
CA GLY B 229 -7.34 -14.55 -19.50
C GLY B 229 -6.80 -13.45 -20.38
N ILE B 230 -5.74 -13.72 -21.14
CA ILE B 230 -5.05 -12.72 -21.95
C ILE B 230 -5.37 -12.99 -23.42
N LYS B 231 -5.93 -11.99 -24.10
CA LYS B 231 -6.13 -12.09 -25.53
C LYS B 231 -4.81 -11.83 -26.25
N GLN B 232 -4.66 -12.45 -27.42
CA GLN B 232 -3.45 -12.32 -28.22
C GLN B 232 -3.77 -11.66 -29.55
N GLU B 233 -2.86 -10.80 -30.00
CA GLU B 233 -2.93 -10.21 -31.32
C GLU B 233 -1.65 -10.53 -32.07
N PHE B 234 -1.64 -10.23 -33.37
CA PHE B 234 -0.47 -10.49 -34.19
C PHE B 234 -0.34 -9.47 -35.32
N GLY B 244 3.22 1.23 -33.93
CA GLY B 244 4.54 0.65 -33.76
C GLY B 244 5.39 1.42 -32.75
N VAL B 245 5.13 1.18 -31.46
CA VAL B 245 5.86 1.85 -30.40
C VAL B 245 6.97 0.98 -29.82
N ILE B 246 6.96 -0.33 -30.09
CA ILE B 246 7.96 -1.20 -29.49
C ILE B 246 9.35 -0.91 -30.05
N GLU B 247 9.44 -0.43 -31.28
CA GLU B 247 10.75 -0.20 -31.88
C GLU B 247 11.45 0.99 -31.22
N SER B 248 10.75 2.11 -31.07
CA SER B 248 11.35 3.28 -30.46
C SER B 248 11.71 3.01 -29.00
N MET B 249 10.82 2.35 -28.26
CA MET B 249 11.12 2.05 -26.87
C MET B 249 12.27 1.04 -26.74
N ASN B 250 12.36 0.10 -27.68
CA ASN B 250 13.48 -0.83 -27.67
C ASN B 250 14.79 -0.11 -27.92
N LYS B 251 14.81 0.81 -28.89
CA LYS B 251 16.03 1.57 -29.15
C LYS B 251 16.40 2.44 -27.96
N GLU B 252 15.41 3.04 -27.30
CA GLU B 252 15.70 3.84 -26.12
C GLU B 252 16.26 2.98 -24.98
N LEU B 253 15.70 1.79 -24.79
CA LEU B 253 16.20 0.91 -23.74
C LEU B 253 17.62 0.45 -24.05
N LYS B 254 17.92 0.16 -25.32
CA LYS B 254 19.29 -0.20 -25.66
C LYS B 254 20.23 0.97 -25.48
N LYS B 255 19.77 2.19 -25.74
CA LYS B 255 20.58 3.37 -25.47
C LYS B 255 20.90 3.48 -23.98
N ILE B 256 19.90 3.28 -23.13
CA ILE B 256 20.14 3.39 -21.70
C ILE B 256 21.03 2.26 -21.20
N ILE B 257 20.91 1.06 -21.78
CA ILE B 257 21.81 -0.02 -21.44
C ILE B 257 23.24 0.35 -21.81
N GLY B 258 23.44 0.86 -23.03
CA GLY B 258 24.76 1.30 -23.43
C GLY B 258 25.32 2.37 -22.52
N GLN B 259 24.44 3.22 -21.98
CA GLN B 259 24.90 4.26 -21.07
C GLN B 259 25.34 3.67 -19.73
N VAL B 260 24.52 2.81 -19.15
CA VAL B 260 24.70 2.40 -17.76
C VAL B 260 25.37 1.03 -17.65
N ARG B 261 25.90 0.49 -18.74
CA ARG B 261 26.50 -0.84 -18.71
C ARG B 261 27.67 -0.92 -17.74
N ASP B 262 28.56 0.07 -17.77
CA ASP B 262 29.78 -0.02 -16.98
C ASP B 262 29.52 -0.04 -15.47
N GLN B 263 28.38 0.47 -15.03
CA GLN B 263 28.08 0.50 -13.60
C GLN B 263 27.69 -0.85 -13.04
N ALA B 264 27.68 -1.90 -13.86
CA ALA B 264 27.38 -3.25 -13.39
C ALA B 264 28.37 -4.21 -14.04
N GLU B 265 28.41 -5.43 -13.51
CA GLU B 265 29.33 -6.44 -14.02
C GLU B 265 28.69 -7.31 -15.09
N HIS B 266 27.59 -7.98 -14.75
CA HIS B 266 26.90 -8.84 -15.70
C HIS B 266 25.99 -8.00 -16.59
N LEU B 267 25.15 -8.68 -17.37
CA LEU B 267 24.20 -7.98 -18.22
C LEU B 267 22.81 -7.89 -17.61
N LYS B 268 22.41 -8.89 -16.83
CA LYS B 268 21.11 -8.85 -16.17
C LYS B 268 20.96 -7.59 -15.33
N THR B 269 21.96 -7.29 -14.50
CA THR B 269 21.90 -6.11 -13.65
C THR B 269 21.88 -4.84 -14.48
N ALA B 270 22.60 -4.82 -15.59
CA ALA B 270 22.59 -3.64 -16.45
C ALA B 270 21.20 -3.42 -17.04
N VAL B 271 20.55 -4.48 -17.50
CA VAL B 271 19.22 -4.35 -18.07
C VAL B 271 18.23 -3.90 -17.01
N GLN B 272 18.33 -4.44 -15.80
CA GLN B 272 17.42 -4.02 -14.74
C GLN B 272 17.66 -2.56 -14.36
N MET B 273 18.91 -2.12 -14.36
CA MET B 273 19.19 -0.72 -14.06
C MET B 273 18.65 0.18 -15.16
N ALA B 274 18.76 -0.25 -16.42
CA ALA B 274 18.18 0.53 -17.51
C ALA B 274 16.68 0.62 -17.39
N VAL B 275 16.03 -0.47 -16.98
CA VAL B 275 14.58 -0.44 -16.76
C VAL B 275 14.24 0.54 -15.65
N PHE B 276 14.98 0.49 -14.55
CA PHE B 276 14.74 1.44 -13.46
C PHE B 276 14.86 2.87 -13.96
N ILE B 277 15.91 3.16 -14.72
CA ILE B 277 16.12 4.52 -15.22
C ILE B 277 14.99 4.94 -16.13
N HIS B 278 14.58 4.07 -17.05
CA HIS B 278 13.54 4.43 -17.99
C HIS B 278 12.16 4.49 -17.35
N ASN B 279 11.98 3.88 -16.19
CA ASN B 279 10.67 3.90 -15.55
C ASN B 279 10.52 5.00 -14.53
N PHE B 280 11.57 5.36 -13.80
CA PHE B 280 11.44 6.32 -12.71
C PHE B 280 12.46 7.44 -12.72
N LYS B 281 13.27 7.57 -13.76
CA LYS B 281 14.26 8.64 -13.81
C LYS B 281 14.31 9.35 -15.15
N ARG B 282 13.34 9.12 -16.03
CA ARG B 282 13.25 9.82 -17.30
C ARG B 282 11.87 10.44 -17.40
N LYS B 283 11.77 11.71 -17.02
CA LYS B 283 10.51 12.44 -17.03
C LYS B 283 10.42 13.28 -18.30
N GLY B 284 9.29 13.18 -18.98
CA GLY B 284 9.05 13.93 -20.19
C GLY B 284 7.57 14.07 -20.43
N GLY B 285 7.17 14.07 -21.69
CA GLY B 285 5.75 14.14 -22.00
C GLY B 285 5.17 15.50 -21.71
N ILE B 286 3.87 15.52 -21.43
CA ILE B 286 3.16 16.79 -21.26
C ILE B 286 3.49 17.41 -19.91
N GLY B 287 3.16 16.72 -18.83
CA GLY B 287 3.33 17.26 -17.50
C GLY B 287 4.61 16.92 -16.80
N GLY B 288 5.55 16.26 -17.47
CA GLY B 288 6.80 15.91 -16.83
C GLY B 288 6.69 14.75 -15.87
N TYR B 289 5.63 13.95 -15.97
CA TYR B 289 5.46 12.78 -15.13
C TYR B 289 6.29 11.62 -15.67
N SER B 290 6.96 10.92 -14.77
CA SER B 290 7.73 9.75 -15.16
C SER B 290 6.79 8.66 -15.67
N ALA B 291 7.38 7.61 -16.23
CA ALA B 291 6.57 6.52 -16.77
C ALA B 291 5.80 5.80 -15.67
N GLY B 292 6.40 5.66 -14.49
CA GLY B 292 5.71 4.97 -13.40
C GLY B 292 4.48 5.71 -12.94
N GLU B 293 4.59 7.03 -12.77
CA GLU B 293 3.41 7.81 -12.37
C GLU B 293 2.36 7.77 -13.46
N ARG B 294 2.77 7.79 -14.73
CA ARG B 294 1.81 7.72 -15.81
C ARG B 294 1.06 6.40 -15.81
N ILE B 295 1.76 5.28 -15.59
CA ILE B 295 1.07 3.99 -15.62
C ILE B 295 0.18 3.83 -14.40
N VAL B 296 0.61 4.31 -13.23
CA VAL B 296 -0.28 4.16 -12.08
C VAL B 296 -1.50 5.04 -12.24
N ASP B 297 -1.37 6.21 -12.86
CA ASP B 297 -2.54 7.05 -13.10
C ASP B 297 -3.47 6.41 -14.12
N ILE B 298 -2.92 5.84 -15.19
CA ILE B 298 -3.76 5.20 -16.20
C ILE B 298 -4.49 4.01 -15.61
N ILE B 299 -3.82 3.22 -14.77
CA ILE B 299 -4.47 2.07 -14.17
C ILE B 299 -5.51 2.50 -13.15
N ALA B 300 -5.27 3.60 -12.44
CA ALA B 300 -6.31 4.11 -11.55
C ALA B 300 -7.53 4.57 -12.32
N THR B 301 -7.32 5.23 -13.46
CA THR B 301 -8.44 5.61 -14.32
C THR B 301 -9.19 4.37 -14.82
N ASP B 302 -8.46 3.33 -15.19
CA ASP B 302 -9.10 2.10 -15.63
C ASP B 302 -9.92 1.46 -14.52
N ILE B 303 -9.40 1.48 -13.30
CA ILE B 303 -10.14 0.92 -12.17
C ILE B 303 -11.41 1.72 -11.92
N GLN B 304 -11.31 3.05 -12.02
CA GLN B 304 -12.49 3.89 -11.88
C GLN B 304 -13.53 3.53 -12.93
N THR B 305 -13.11 3.39 -14.18
CA THR B 305 -14.04 3.04 -15.25
C THR B 305 -14.67 1.67 -15.00
N LYS B 306 -13.89 0.70 -14.55
CA LYS B 306 -14.44 -0.63 -14.30
C LYS B 306 -15.45 -0.60 -13.16
N GLU B 307 -15.17 0.15 -12.10
CA GLU B 307 -16.12 0.21 -10.99
C GLU B 307 -17.40 0.93 -11.42
N LEU B 308 -17.27 2.00 -12.21
CA LEU B 308 -18.47 2.66 -12.72
C LEU B 308 -19.27 1.74 -13.61
N GLN B 309 -18.60 0.93 -14.43
CA GLN B 309 -19.30 0.00 -15.29
C GLN B 309 -20.01 -1.08 -14.48
N LYS B 310 -19.38 -1.57 -13.41
CA LYS B 310 -20.05 -2.52 -12.53
C LYS B 310 -21.28 -1.89 -11.89
N GLN B 311 -21.17 -0.64 -11.45
CA GLN B 311 -22.32 0.04 -10.87
C GLN B 311 -23.45 0.17 -11.88
N ILE B 312 -23.12 0.58 -13.10
CA ILE B 312 -24.14 0.74 -14.14
C ILE B 312 -24.81 -0.59 -14.44
N THR B 313 -24.00 -1.65 -14.58
CA THR B 313 -24.57 -2.97 -14.88
C THR B 313 -25.45 -3.46 -13.75
N LYS B 314 -25.09 -3.15 -12.50
CA LYS B 314 -25.94 -3.55 -11.38
C LYS B 314 -27.26 -2.81 -11.39
N ILE B 315 -27.22 -1.50 -11.63
CA ILE B 315 -28.42 -0.66 -11.53
C ILE B 315 -29.26 -0.80 -12.79
N GLN B 316 -28.70 -1.40 -13.84
CA GLN B 316 -29.38 -1.42 -15.12
C GLN B 316 -30.62 -2.29 -15.13
N ASN B 317 -30.56 -3.48 -14.53
CA ASN B 317 -31.66 -4.43 -14.61
C ASN B 317 -32.75 -4.15 -13.58
N PHE B 318 -32.80 -2.96 -13.03
CA PHE B 318 -33.87 -2.52 -12.14
C PHE B 318 -34.97 -1.85 -12.94
N ARG B 319 -36.06 -1.52 -12.25
CA ARG B 319 -37.11 -0.70 -12.82
C ARG B 319 -37.79 0.05 -11.67
N VAL B 320 -38.36 1.20 -11.99
CA VAL B 320 -39.00 2.03 -10.98
C VAL B 320 -40.37 2.49 -11.48
N TYR B 321 -41.27 2.73 -10.54
CA TYR B 321 -42.56 3.34 -10.81
C TYR B 321 -42.76 4.48 -9.83
N TYR B 322 -42.91 5.69 -10.36
CA TYR B 322 -42.80 6.89 -9.55
C TYR B 322 -44.10 7.70 -9.58
N ARG B 323 -44.25 8.52 -8.53
CA ARG B 323 -45.45 9.34 -8.28
C ARG B 323 -46.76 8.59 -8.50
N TRP B 330 -50.47 7.03 -11.11
CA TRP B 330 -49.03 7.10 -11.02
C TRP B 330 -48.40 7.44 -12.37
N LYS B 331 -47.25 6.83 -12.64
CA LYS B 331 -46.54 7.04 -13.90
C LYS B 331 -46.15 5.68 -14.48
N GLY B 332 -45.57 5.71 -15.69
CA GLY B 332 -45.18 4.50 -16.37
C GLY B 332 -43.82 3.99 -15.92
N PRO B 333 -43.25 3.07 -16.68
CA PRO B 333 -41.93 2.52 -16.30
C PRO B 333 -40.83 3.55 -16.47
N ALA B 334 -39.73 3.31 -15.77
CA ALA B 334 -38.55 4.18 -15.86
C ALA B 334 -37.34 3.40 -15.39
N LYS B 335 -36.18 3.82 -15.89
CA LYS B 335 -34.91 3.17 -15.58
C LYS B 335 -34.24 3.88 -14.40
N LEU B 336 -33.75 3.09 -13.46
CA LEU B 336 -33.14 3.64 -12.24
C LEU B 336 -31.73 4.12 -12.53
N LEU B 337 -31.41 5.31 -12.02
CA LEU B 337 -30.08 5.89 -12.20
C LEU B 337 -29.31 6.04 -10.89
N TRP B 338 -29.98 6.44 -9.80
CA TRP B 338 -29.29 6.57 -8.53
C TRP B 338 -30.29 6.44 -7.39
N LYS B 339 -29.86 5.77 -6.32
CA LYS B 339 -30.71 5.51 -5.16
C LYS B 339 -29.97 6.00 -3.92
N GLY B 340 -30.17 7.26 -3.56
CA GLY B 340 -29.50 7.84 -2.41
C GLY B 340 -30.13 7.46 -1.09
N GLU B 341 -30.22 8.40 -0.16
CA GLU B 341 -30.82 8.13 1.14
C GLU B 341 -32.34 8.18 1.07
N GLY B 342 -32.91 9.34 0.72
CA GLY B 342 -34.34 9.47 0.59
C GLY B 342 -34.74 9.96 -0.77
N ALA B 343 -33.75 10.22 -1.63
CA ALA B 343 -33.98 10.69 -2.98
C ALA B 343 -33.63 9.58 -3.97
N VAL B 344 -34.36 9.56 -5.09
CA VAL B 344 -34.14 8.59 -6.14
C VAL B 344 -34.11 9.35 -7.46
N VAL B 345 -33.01 9.22 -8.19
CA VAL B 345 -32.83 9.87 -9.49
C VAL B 345 -33.13 8.84 -10.57
N ILE B 346 -34.15 9.12 -11.38
CA ILE B 346 -34.60 8.20 -12.42
C ILE B 346 -34.47 8.90 -13.77
N GLN B 347 -34.66 8.12 -14.83
CA GLN B 347 -34.67 8.61 -16.19
C GLN B 347 -35.95 8.15 -16.87
N ASP B 348 -36.58 9.03 -17.62
CA ASP B 348 -37.80 8.71 -18.34
C ASP B 348 -37.87 9.56 -19.60
N ASN B 349 -38.03 8.90 -20.75
CA ASN B 349 -38.13 9.57 -22.05
C ASN B 349 -36.96 10.54 -22.26
N SER B 350 -35.75 10.05 -21.99
CA SER B 350 -34.53 10.83 -22.12
C SER B 350 -34.57 12.11 -21.30
N ASP B 351 -35.24 12.06 -20.15
CA ASP B 351 -35.31 13.19 -19.24
C ASP B 351 -35.01 12.69 -17.84
N ILE B 352 -34.01 13.28 -17.19
CA ILE B 352 -33.59 12.86 -15.86
C ILE B 352 -34.40 13.63 -14.83
N LYS B 353 -35.04 12.91 -13.92
CA LYS B 353 -35.84 13.50 -12.85
C LYS B 353 -35.37 12.98 -11.50
N VAL B 354 -35.80 13.67 -10.45
CA VAL B 354 -35.54 13.25 -9.07
C VAL B 354 -36.89 13.16 -8.36
N VAL B 355 -37.00 12.21 -7.43
CA VAL B 355 -38.23 12.03 -6.66
C VAL B 355 -37.88 11.64 -5.24
N PRO B 356 -38.79 11.88 -4.30
CA PRO B 356 -38.60 11.33 -2.95
C PRO B 356 -38.85 9.83 -2.93
N ARG B 357 -38.14 9.16 -2.01
CA ARG B 357 -38.10 7.70 -2.01
C ARG B 357 -39.50 7.10 -1.94
N ARG B 358 -40.26 7.44 -0.91
CA ARG B 358 -41.58 6.85 -0.71
C ARG B 358 -42.57 7.22 -1.80
N LYS B 359 -42.17 8.01 -2.80
CA LYS B 359 -43.03 8.36 -3.92
C LYS B 359 -42.73 7.50 -5.14
N ALA B 360 -41.77 6.59 -5.05
CA ALA B 360 -41.43 5.70 -6.16
C ALA B 360 -41.01 4.35 -5.61
N LYS B 361 -41.60 3.28 -6.17
CA LYS B 361 -41.30 1.91 -5.75
C LYS B 361 -40.46 1.22 -6.81
N ILE B 362 -39.46 0.47 -6.37
CA ILE B 362 -38.51 -0.19 -7.27
C ILE B 362 -38.83 -1.68 -7.34
N ILE B 363 -38.59 -2.28 -8.50
CA ILE B 363 -38.76 -3.71 -8.73
C ILE B 363 -37.59 -4.19 -9.59
N ARG B 364 -37.46 -5.50 -9.70
CA ARG B 364 -36.41 -6.11 -10.49
C ARG B 364 -36.94 -6.57 -11.84
N ASP B 365 -36.02 -6.89 -12.73
CA ASP B 365 -36.35 -7.35 -14.08
C ASP B 365 -35.20 -8.14 -14.68
N LEU C 308 -9.27 27.66 -5.13
CA LEU C 308 -8.56 27.04 -4.01
C LEU C 308 -9.46 26.13 -3.21
N GLN C 309 -10.64 26.64 -2.84
CA GLN C 309 -11.59 25.84 -2.08
C GLN C 309 -11.94 24.54 -2.79
N LYS C 310 -11.89 24.55 -4.12
CA LYS C 310 -12.09 23.31 -4.88
C LYS C 310 -11.03 22.29 -4.52
N GLN C 311 -9.77 22.71 -4.42
CA GLN C 311 -8.70 21.76 -4.09
C GLN C 311 -8.72 21.37 -2.63
N ILE C 312 -9.13 22.28 -1.74
CA ILE C 312 -9.36 21.90 -0.35
C ILE C 312 -10.38 20.78 -0.28
N THR C 313 -11.52 20.96 -0.95
CA THR C 313 -12.54 19.93 -0.95
C THR C 313 -12.05 18.65 -1.63
N LYS C 314 -11.18 18.79 -2.63
CA LYS C 314 -10.63 17.61 -3.30
C LYS C 314 -9.76 16.80 -2.34
N ILE C 315 -8.81 17.45 -1.68
CA ILE C 315 -7.96 16.75 -0.74
C ILE C 315 -8.75 16.28 0.47
N GLN C 316 -9.93 16.83 0.71
CA GLN C 316 -10.80 16.33 1.76
C GLN C 316 -11.67 15.16 1.31
N ASN C 317 -11.53 14.72 0.06
CA ASN C 317 -12.33 13.59 -0.42
C ASN C 317 -11.65 12.25 -0.17
N PHE C 318 -10.33 12.23 -0.02
CA PHE C 318 -9.62 10.99 0.22
C PHE C 318 -10.01 10.41 1.57
N ARG C 319 -9.68 9.14 1.76
CA ARG C 319 -10.01 8.42 2.97
C ARG C 319 -8.74 7.88 3.62
N VAL C 320 -8.73 7.89 4.95
CA VAL C 320 -7.56 7.49 5.73
C VAL C 320 -7.98 6.40 6.71
N TYR C 321 -7.23 5.31 6.73
CA TYR C 321 -7.40 4.26 7.74
C TYR C 321 -6.17 4.30 8.64
N TYR C 322 -6.39 4.45 9.94
CA TYR C 322 -5.30 4.71 10.87
C TYR C 322 -5.39 3.77 12.06
N ARG C 323 -4.35 3.83 12.89
CA ARG C 323 -4.29 3.06 14.12
C ARG C 323 -3.69 3.93 15.23
N ASP C 324 -4.16 3.73 16.44
CA ASP C 324 -3.67 4.46 17.60
C ASP C 324 -2.36 3.83 18.06
N SER C 325 -1.89 4.23 19.25
CA SER C 325 -0.58 3.77 19.71
C SER C 325 -0.63 2.36 20.27
N ARG C 326 -1.72 1.99 20.95
CA ARG C 326 -1.86 0.65 21.52
C ARG C 326 -3.14 -0.03 21.05
N ASP C 327 -3.71 0.42 19.95
CA ASP C 327 -4.97 -0.12 19.44
C ASP C 327 -4.68 -0.90 18.17
N PRO C 328 -4.61 -2.24 18.23
CA PRO C 328 -4.15 -3.01 17.07
C PRO C 328 -5.20 -3.30 16.02
N VAL C 329 -6.35 -2.63 16.04
CA VAL C 329 -7.37 -2.82 15.01
C VAL C 329 -7.48 -1.53 14.21
N TRP C 330 -7.70 -1.67 12.90
CA TRP C 330 -7.69 -0.54 11.98
C TRP C 330 -8.95 0.29 12.16
N LYS C 331 -8.79 1.57 12.46
CA LYS C 331 -9.92 2.45 12.63
C LYS C 331 -10.64 2.68 11.30
N GLY C 332 -11.84 3.22 11.38
CA GLY C 332 -12.68 3.39 10.22
C GLY C 332 -12.12 4.43 9.27
N PRO C 333 -12.79 4.60 8.14
CA PRO C 333 -12.31 5.56 7.13
C PRO C 333 -12.55 7.00 7.55
N ALA C 334 -11.46 7.69 7.90
CA ALA C 334 -11.55 9.08 8.32
C ALA C 334 -11.60 9.98 7.09
N LYS C 335 -11.45 11.28 7.29
CA LYS C 335 -11.47 12.26 6.21
C LYS C 335 -10.14 13.02 6.23
N LEU C 336 -9.30 12.76 5.24
CA LEU C 336 -7.98 13.37 5.18
C LEU C 336 -8.12 14.88 5.07
N LEU C 337 -7.70 15.61 6.10
CA LEU C 337 -7.73 17.06 6.08
C LEU C 337 -6.40 17.65 5.62
N TRP C 338 -5.29 17.04 6.00
CA TRP C 338 -3.98 17.56 5.64
C TRP C 338 -2.96 16.43 5.67
N LYS C 339 -2.06 16.42 4.70
CA LYS C 339 -1.06 15.37 4.60
C LYS C 339 0.31 16.01 4.40
N GLY C 340 1.19 15.81 5.39
CA GLY C 340 2.52 16.37 5.34
C GLY C 340 3.59 15.32 5.15
N GLU C 341 4.82 15.69 5.52
CA GLU C 341 5.96 14.81 5.31
C GLU C 341 6.03 13.71 6.35
N GLY C 342 5.58 13.97 7.57
CA GLY C 342 5.72 12.99 8.62
C GLY C 342 4.45 12.73 9.42
N ALA C 343 3.43 13.56 9.22
CA ALA C 343 2.18 13.43 9.97
C ALA C 343 1.01 13.68 9.04
N VAL C 344 -0.17 13.26 9.48
CA VAL C 344 -1.40 13.40 8.71
C VAL C 344 -2.50 13.84 9.66
N VAL C 345 -3.12 14.97 9.36
CA VAL C 345 -4.23 15.50 10.15
C VAL C 345 -5.52 15.03 9.53
N ILE C 346 -6.32 14.29 10.30
CA ILE C 346 -7.57 13.70 9.84
C ILE C 346 -8.69 14.15 10.76
N GLN C 347 -9.93 13.84 10.35
CA GLN C 347 -11.12 14.14 11.13
C GLN C 347 -12.01 12.91 11.14
N ASP C 348 -12.11 12.26 12.29
CA ASP C 348 -12.90 11.04 12.45
C ASP C 348 -14.07 11.31 13.38
N ASN C 349 -15.28 11.09 12.88
CA ASN C 349 -16.51 11.31 13.66
C ASN C 349 -16.57 12.73 14.21
N SER C 350 -16.09 13.69 13.42
CA SER C 350 -16.02 15.10 13.80
C SER C 350 -15.12 15.29 15.02
N ASP C 351 -14.00 14.58 15.04
CA ASP C 351 -12.93 14.80 16.02
C ASP C 351 -11.61 14.86 15.27
N ILE C 352 -10.87 15.94 15.45
CA ILE C 352 -9.62 16.15 14.73
C ILE C 352 -8.53 15.34 15.42
N LYS C 353 -7.77 14.59 14.63
CA LYS C 353 -6.65 13.81 15.12
C LYS C 353 -5.43 14.06 14.26
N VAL C 354 -4.25 13.79 14.82
CA VAL C 354 -2.99 13.88 14.11
C VAL C 354 -2.30 12.53 14.25
N VAL C 355 -2.27 11.76 13.18
CA VAL C 355 -1.68 10.43 13.20
C VAL C 355 -0.35 10.45 12.45
N PRO C 356 0.65 9.73 12.92
CA PRO C 356 1.94 9.73 12.21
C PRO C 356 1.79 9.12 10.83
N ARG C 357 2.68 9.53 9.93
CA ARG C 357 2.61 9.04 8.55
C ARG C 357 2.74 7.53 8.49
N ARG C 358 3.49 6.94 9.41
CA ARG C 358 3.73 5.51 9.42
C ARG C 358 2.58 4.71 10.00
N LYS C 359 1.40 5.32 10.16
CA LYS C 359 0.26 4.59 10.71
C LYS C 359 -1.03 4.93 9.96
N ALA C 360 -0.96 5.31 8.70
CA ALA C 360 -2.14 5.73 7.96
C ALA C 360 -2.05 5.26 6.52
N LYS C 361 -3.02 4.45 6.10
CA LYS C 361 -3.21 4.10 4.71
C LYS C 361 -4.18 5.08 4.09
N ILE C 362 -3.72 5.84 3.10
CA ILE C 362 -4.52 6.89 2.47
C ILE C 362 -4.93 6.39 1.10
N ILE C 363 -6.20 6.05 0.95
CA ILE C 363 -6.74 5.56 -0.31
C ILE C 363 -7.89 6.45 -0.73
N ARG C 364 -8.09 6.55 -2.04
CA ARG C 364 -9.29 7.17 -2.61
C ARG C 364 -10.16 6.00 -3.05
N ASP C 365 -11.07 5.60 -2.16
CA ASP C 365 -11.84 4.39 -2.40
C ASP C 365 -12.67 4.54 -3.67
N TYR C 366 -12.32 3.79 -4.71
CA TYR C 366 -13.00 3.91 -5.99
C TYR C 366 -14.36 3.26 -6.00
N GLY C 367 -14.86 2.90 -4.81
CA GLY C 367 -16.27 2.67 -4.62
C GLY C 367 -16.95 3.98 -4.32
N LYS C 368 -16.35 5.08 -4.78
CA LYS C 368 -16.92 6.41 -4.70
C LYS C 368 -17.91 6.69 -5.82
N GLN C 369 -18.12 5.73 -6.72
CA GLN C 369 -19.05 5.90 -7.82
C GLN C 369 -20.50 5.75 -7.38
N MET C 370 -20.76 5.76 -6.07
CA MET C 370 -22.11 5.66 -5.57
C MET C 370 -22.41 6.76 -4.56
N ALA C 371 -21.37 7.31 -3.93
CA ALA C 371 -21.55 8.29 -2.87
C ALA C 371 -20.36 9.24 -2.90
N GLY C 372 -20.18 10.00 -1.81
CA GLY C 372 -19.08 10.93 -1.72
C GLY C 372 -19.37 12.27 -2.36
N ASN D 317 18.76 5.49 36.31
CA ASN D 317 17.38 5.93 36.53
C ASN D 317 16.41 4.75 36.49
N PHE D 318 16.45 3.98 35.41
CA PHE D 318 15.58 2.85 35.20
C PHE D 318 16.37 1.54 35.27
N ARG D 319 15.63 0.44 35.25
CA ARG D 319 16.20 -0.89 35.13
C ARG D 319 15.40 -1.66 34.10
N VAL D 320 16.07 -2.48 33.29
CA VAL D 320 15.41 -3.23 32.23
C VAL D 320 15.95 -4.65 32.22
N TYR D 321 15.05 -5.62 32.32
CA TYR D 321 15.38 -7.02 32.12
C TYR D 321 14.89 -7.44 30.74
N TYR D 322 15.67 -8.26 30.05
CA TYR D 322 15.36 -8.58 28.66
C TYR D 322 15.64 -10.05 28.37
N ARG D 323 15.04 -10.52 27.29
CA ARG D 323 15.30 -11.85 26.74
C ARG D 323 15.75 -11.62 25.30
N ASP D 324 17.04 -11.82 25.04
CA ASP D 324 17.65 -11.23 23.86
C ASP D 324 17.40 -12.05 22.59
N SER D 325 17.93 -13.27 22.54
CA SER D 325 18.04 -13.95 21.24
C SER D 325 17.98 -15.46 21.46
N ARG D 326 16.78 -16.02 21.26
CA ARG D 326 16.59 -17.48 21.27
C ARG D 326 17.11 -18.13 22.54
N ASP D 327 17.29 -17.33 23.59
CA ASP D 327 17.79 -17.80 24.87
C ASP D 327 16.69 -17.65 25.90
N PRO D 328 15.99 -18.73 26.26
CA PRO D 328 14.87 -18.60 27.19
C PRO D 328 15.23 -17.98 28.52
N VAL D 329 16.51 -18.04 28.91
CA VAL D 329 16.94 -17.45 30.17
C VAL D 329 16.90 -15.93 30.05
N TRP D 330 16.33 -15.28 31.07
CA TRP D 330 16.34 -13.83 31.11
C TRP D 330 17.66 -13.31 31.65
N LYS D 331 17.89 -12.02 31.47
CA LYS D 331 19.13 -11.42 31.95
C LYS D 331 18.88 -9.96 32.31
N GLY D 332 19.80 -9.40 33.07
CA GLY D 332 19.67 -8.04 33.54
C GLY D 332 20.20 -7.89 34.95
N PRO D 333 19.94 -6.74 35.58
CA PRO D 333 19.26 -5.60 34.99
C PRO D 333 20.18 -4.76 34.12
N ALA D 334 19.61 -3.96 33.22
CA ALA D 334 20.38 -3.15 32.30
C ALA D 334 19.77 -1.75 32.22
N LYS D 335 20.63 -0.77 31.99
CA LYS D 335 20.17 0.61 31.88
C LYS D 335 19.30 0.79 30.65
N LEU D 336 18.31 1.67 30.75
CA LEU D 336 17.37 1.93 29.67
C LEU D 336 17.81 3.20 28.96
N LEU D 337 18.35 3.05 27.74
CA LEU D 337 18.81 4.20 26.98
C LEU D 337 17.65 4.94 26.34
N TRP D 338 16.80 4.24 25.59
CA TRP D 338 15.69 4.92 24.93
C TRP D 338 14.53 3.95 24.78
N LYS D 339 13.37 4.31 25.32
CA LYS D 339 12.17 3.49 25.24
C LYS D 339 11.25 4.06 24.19
N GLY D 340 11.09 3.34 23.08
CA GLY D 340 10.19 3.75 22.03
C GLY D 340 8.98 2.85 21.95
N GLU D 341 7.90 3.33 21.33
CA GLU D 341 6.67 2.55 21.25
C GLU D 341 6.90 1.35 20.36
N GLY D 342 7.07 0.18 20.97
CA GLY D 342 7.28 -1.04 20.22
C GLY D 342 8.52 -1.81 20.63
N ALA D 343 9.59 -1.09 20.94
CA ALA D 343 10.84 -1.72 21.35
C ALA D 343 11.71 -0.70 22.07
N VAL D 344 12.59 -1.20 22.93
CA VAL D 344 13.50 -0.36 23.69
C VAL D 344 14.92 -0.64 23.22
N VAL D 345 15.81 0.30 23.51
CA VAL D 345 17.24 0.12 23.33
C VAL D 345 17.91 0.36 24.67
N ILE D 346 18.70 -0.62 25.09
CA ILE D 346 19.23 -0.69 26.45
C ILE D 346 20.74 -0.91 26.36
N GLN D 347 21.41 -0.73 27.50
CA GLN D 347 22.86 -0.82 27.59
C GLN D 347 23.21 -1.75 28.74
N ASP D 348 23.60 -2.98 28.42
CA ASP D 348 24.00 -3.97 29.42
C ASP D 348 25.50 -4.16 29.28
N ASN D 349 26.25 -3.71 30.29
CA ASN D 349 27.69 -3.88 30.37
C ASN D 349 28.38 -3.44 29.07
N SER D 350 28.17 -2.17 28.73
CA SER D 350 28.75 -1.54 27.55
C SER D 350 28.30 -2.18 26.25
N ASP D 351 27.25 -3.00 26.29
CA ASP D 351 26.68 -3.61 25.09
C ASP D 351 25.33 -2.96 24.83
N ILE D 352 25.22 -2.27 23.70
CA ILE D 352 23.99 -1.60 23.32
C ILE D 352 23.14 -2.57 22.51
N LYS D 353 21.98 -2.94 23.05
CA LYS D 353 21.09 -3.90 22.43
C LYS D 353 19.74 -3.27 22.17
N VAL D 354 19.02 -3.82 21.20
CA VAL D 354 17.65 -3.46 20.90
C VAL D 354 16.77 -4.66 21.19
N VAL D 355 15.67 -4.45 21.89
CA VAL D 355 14.83 -5.55 22.34
C VAL D 355 13.36 -5.17 22.22
N PRO D 356 12.51 -6.03 21.65
CA PRO D 356 11.08 -5.70 21.58
C PRO D 356 10.48 -5.67 22.97
N ARG D 357 9.52 -4.76 23.17
CA ARG D 357 8.96 -4.58 24.50
C ARG D 357 8.24 -5.81 25.00
N ARG D 358 7.83 -6.70 24.12
CA ARG D 358 7.29 -7.98 24.57
C ARG D 358 8.33 -8.83 25.28
N LYS D 359 9.62 -8.49 25.15
CA LYS D 359 10.70 -9.26 25.76
C LYS D 359 11.52 -8.37 26.69
N ALA D 360 10.89 -7.41 27.34
CA ALA D 360 11.61 -6.50 28.22
C ALA D 360 10.68 -5.98 29.30
N LYS D 361 11.08 -6.16 30.55
CA LYS D 361 10.40 -5.60 31.71
C LYS D 361 11.16 -4.37 32.17
N ILE D 362 10.44 -3.27 32.35
CA ILE D 362 11.03 -1.98 32.70
C ILE D 362 10.55 -1.59 34.09
N ILE D 363 11.49 -1.29 34.97
CA ILE D 363 11.17 -0.86 36.33
C ILE D 363 11.75 0.52 36.60
MG MG G . 13.85 -14.95 6.40
MG MG H . 10.13 -15.95 7.37
ZN ZN I . 12.38 -13.09 43.77
NAA QUW J . 13.45 -17.71 12.17
OAB QUW J . 11.14 -17.69 12.80
OAC QUW J . 10.00 -16.41 9.06
OAD QUW J . 20.69 -13.29 12.88
OAE QUW J . 11.72 -15.50 7.11
FAF QUW J . 5.03 -14.26 13.69
FAG QUW J . 7.92 -16.53 10.80
CAH QUW J . 6.20 -16.17 14.50
CAI QUW J . 7.09 -17.18 14.24
CAJ QUW J . 15.88 -15.84 8.11
CAK QUW J . 6.45 -15.38 12.27
CAL QUW J . 15.34 -16.80 10.23
CAM QUW J . 19.53 -14.09 12.92
CAN QUW J . 19.90 -15.49 12.43
CAO QUW J . 19.62 -15.56 10.94
CAP QUW J . 18.10 -15.55 10.75
CAQ QUW J . 17.78 -16.44 9.56
CAR QUW J . 8.62 -18.38 12.65
NAS QUW J . 14.56 -15.73 7.79
NAT QUW J . 9.32 -17.92 11.48
CAU QUW J . 10.70 -17.58 11.70
CAV QUW J . 5.90 -15.28 13.51
CAW QUW J . 16.26 -16.38 9.34
CAX QUW J . 13.01 -17.16 10.91
CAY QUW J . 7.34 -16.39 12.01
CAZ QUW J . 7.64 -17.28 12.99
CBA QUW J . 11.61 -17.07 10.61
CBB QUW J . 11.14 -16.50 9.32
CBC QUW J . 14.04 -16.69 9.91
CBD QUW J . 13.63 -16.15 8.68
NBE QUW J . 12.14 -16.04 8.35
ZN ZN K . -23.46 15.28 -26.38
#